data_1PIX
#
_entry.id   1PIX
#
_cell.length_a   151.869
_cell.length_b   151.869
_cell.length_c   163.000
_cell.angle_alpha   90.00
_cell.angle_beta   90.00
_cell.angle_gamma   90.00
#
_symmetry.space_group_name_H-M   'P 41 21 2'
#
loop_
_entity.id
_entity.type
_entity.pdbx_description
1 polymer 'Glutaconyl-CoA decarboxylase A subunit'
2 non-polymer 'SULFATE ION'
3 non-polymer 'FORMIC ACID'
4 water water
#
_entity_poly.entity_id   1
_entity_poly.type   'polypeptide(L)'
_entity_poly.pdbx_seq_one_letter_code
;MGFYSMPRYFQNMPQVGKPLKKADAANEEQLKKIEEEIHQLIKEAQEAGKADADVNKRGELTALQRIEKLVEPGSWRPLN
TLFNPQGNKNGSVAIVKGLGRVNGKWCVVVASDNKKLAGAWVPGQAECLLRASDTAKTLHVPLVYVLNCSGVKFDEQEKV
YPNRRGGGTPFFRNAELNQLGIPVIVGIYGTNPAGGGYHSISPTVIIAHEKANMAVGGAGIMGGMNPKGHVDLEYANEIA
DMVDRTGKTEPPGAVDIHYTETGFMREVYASEEGVLEGIKKYVGMLPKYDPEFFRVDDPKAPAFPADDLYSMVPLNDKRA
YDIYNVIARLFDNSELHEYKKGYGPEMVTGLAKVNGLLVGVVANVQGLLMNYPEYKAAGSVGIGGKLYRQGLVKMNEFVT
LCARDRLPIVWIQDTTGIDVGNDAEKAELLGLGQSLIYSIQTSHIPQFEITLRKGTAAAHYVLGGPQGNDTNAFSIGTAA
TEIAVMNGETAATAMYSRRLAKDRKAGKDLQPTIDKMNNLIQAFYTKSRPKVCAELGLVDEIVDMNKIRGYVEAFTEAAY
QNPESICPFHQMILPRAIREFETFVKK
;
_entity_poly.pdbx_strand_id   A,B
#
loop_
_chem_comp.id
_chem_comp.type
_chem_comp.name
_chem_comp.formula
FMT non-polymer 'FORMIC ACID' 'C H2 O2'
SO4 non-polymer 'SULFATE ION' 'O4 S -2'
#
# COMPACT_ATOMS: atom_id res chain seq x y z
N GLY A 2 -39.75 3.66 14.45
CA GLY A 2 -40.84 2.64 14.40
C GLY A 2 -41.62 2.70 13.11
N PHE A 3 -41.51 3.82 12.41
CA PHE A 3 -42.18 4.02 11.13
C PHE A 3 -41.12 3.97 10.03
N TYR A 4 -41.28 3.05 9.10
CA TYR A 4 -40.31 2.87 8.04
C TYR A 4 -40.91 2.89 6.65
N SER A 5 -40.05 3.09 5.64
CA SER A 5 -40.50 3.13 4.26
C SER A 5 -40.77 1.71 3.72
N MET A 6 -41.76 1.63 2.83
CA MET A 6 -42.15 0.38 2.17
C MET A 6 -42.11 -0.91 2.97
N PRO A 7 -42.96 -1.04 4.00
CA PRO A 7 -43.00 -2.26 4.80
C PRO A 7 -43.18 -3.53 3.96
N ARG A 8 -43.99 -3.46 2.92
CA ARG A 8 -44.22 -4.63 2.07
C ARG A 8 -42.92 -5.17 1.44
N TYR A 9 -41.93 -4.30 1.29
CA TYR A 9 -40.66 -4.71 0.70
C TYR A 9 -39.60 -5.08 1.74
N PHE A 10 -39.55 -4.33 2.83
CA PHE A 10 -38.50 -4.54 3.82
C PHE A 10 -38.85 -5.21 5.15
N GLN A 11 -40.13 -5.35 5.45
CA GLN A 11 -40.51 -6.00 6.70
C GLN A 11 -41.10 -7.37 6.44
N ASN A 12 -40.82 -8.29 7.35
CA ASN A 12 -41.31 -9.66 7.23
C ASN A 12 -40.83 -10.28 5.92
N MET A 13 -39.53 -10.18 5.65
CA MET A 13 -38.97 -10.76 4.44
C MET A 13 -38.90 -12.27 4.66
N PRO A 14 -38.69 -13.05 3.59
CA PRO A 14 -38.61 -14.50 3.75
C PRO A 14 -37.50 -14.89 4.74
N GLN A 15 -37.76 -15.91 5.55
CA GLN A 15 -36.77 -16.38 6.51
C GLN A 15 -36.07 -17.61 5.98
N VAL A 16 -34.83 -17.83 6.40
CA VAL A 16 -34.06 -18.97 5.95
C VAL A 16 -33.39 -19.64 7.13
N GLY A 17 -32.73 -20.77 6.88
CA GLY A 17 -32.05 -21.47 7.95
C GLY A 17 -32.94 -22.46 8.68
N LYS A 18 -32.33 -23.32 9.48
CA LYS A 18 -33.08 -24.32 10.22
C LYS A 18 -32.52 -24.50 11.61
N PRO A 19 -33.31 -25.10 12.52
CA PRO A 19 -32.89 -25.34 13.91
C PRO A 19 -31.78 -26.36 13.96
N LEU A 20 -30.90 -26.23 14.96
CA LEU A 20 -29.84 -27.20 15.12
C LEU A 20 -30.45 -28.35 15.89
N LYS A 21 -30.48 -29.52 15.28
CA LYS A 21 -31.05 -30.70 15.92
C LYS A 21 -29.91 -31.45 16.59
N LYS A 22 -29.04 -32.01 15.76
CA LYS A 22 -27.89 -32.78 16.20
C LYS A 22 -26.66 -31.93 16.48
N ALA A 23 -26.34 -31.72 17.76
CA ALA A 23 -25.15 -30.94 18.10
C ALA A 23 -23.95 -31.81 17.75
N ASP A 24 -22.96 -31.23 17.07
CA ASP A 24 -21.77 -31.98 16.68
C ASP A 24 -20.61 -31.69 17.63
N ALA A 25 -20.60 -32.40 18.75
CA ALA A 25 -19.60 -32.24 19.79
C ALA A 25 -18.16 -32.20 19.28
N ALA A 26 -17.83 -33.11 18.38
CA ALA A 26 -16.47 -33.18 17.83
C ALA A 26 -16.08 -31.92 17.06
N ASN A 27 -16.96 -31.46 16.17
CA ASN A 27 -16.70 -30.28 15.38
C ASN A 27 -16.54 -29.06 16.28
N GLU A 28 -17.48 -28.90 17.20
CA GLU A 28 -17.45 -27.78 18.11
C GLU A 28 -16.15 -27.71 18.90
N GLU A 29 -15.74 -28.80 19.53
CA GLU A 29 -14.51 -28.76 20.30
C GLU A 29 -13.28 -28.55 19.44
N GLN A 30 -13.33 -29.01 18.19
CA GLN A 30 -12.19 -28.81 17.29
C GLN A 30 -12.09 -27.34 16.91
N LEU A 31 -13.24 -26.71 16.65
CA LEU A 31 -13.25 -25.29 16.31
C LEU A 31 -12.80 -24.46 17.52
N LYS A 32 -13.33 -24.81 18.70
CA LYS A 32 -12.98 -24.08 19.92
C LYS A 32 -11.51 -24.23 20.30
N LYS A 33 -10.91 -25.36 19.94
CA LYS A 33 -9.51 -25.57 20.25
C LYS A 33 -8.68 -24.59 19.42
N ILE A 34 -9.09 -24.40 18.17
CA ILE A 34 -8.41 -23.47 17.28
C ILE A 34 -8.63 -22.04 17.79
N GLU A 35 -9.87 -21.71 18.15
CA GLU A 35 -10.17 -20.37 18.67
C GLU A 35 -9.37 -20.12 19.94
N GLU A 36 -9.31 -21.13 20.81
CA GLU A 36 -8.58 -21.03 22.06
C GLU A 36 -7.09 -20.74 21.84
N GLU A 37 -6.51 -21.36 20.82
CA GLU A 37 -5.10 -21.14 20.52
C GLU A 37 -4.88 -19.71 20.02
N ILE A 38 -5.86 -19.19 19.28
CA ILE A 38 -5.77 -17.82 18.77
C ILE A 38 -5.82 -16.87 19.96
N HIS A 39 -6.73 -17.12 20.89
CA HIS A 39 -6.84 -16.27 22.06
C HIS A 39 -5.56 -16.30 22.88
N GLN A 40 -4.94 -17.48 22.97
CA GLN A 40 -3.69 -17.62 23.71
C GLN A 40 -2.59 -16.82 23.02
N LEU A 41 -2.56 -16.87 21.69
CA LEU A 41 -1.56 -16.13 20.94
C LEU A 41 -1.77 -14.63 21.11
N ILE A 42 -3.03 -14.20 21.12
CA ILE A 42 -3.34 -12.78 21.29
C ILE A 42 -2.93 -12.33 22.69
N LYS A 43 -3.34 -13.13 23.69
CA LYS A 43 -3.02 -12.84 25.07
C LYS A 43 -1.53 -12.58 25.25
N GLU A 44 -0.68 -13.46 24.73
CA GLU A 44 0.75 -13.27 24.89
C GLU A 44 1.33 -12.13 24.07
N ALA A 45 0.74 -11.86 22.91
CA ALA A 45 1.24 -10.76 22.08
C ALA A 45 0.96 -9.46 22.84
N GLN A 46 -0.27 -9.33 23.31
CA GLN A 46 -0.67 -8.13 24.04
C GLN A 46 0.06 -7.89 25.35
N GLU A 47 0.35 -8.95 26.11
CA GLU A 47 1.03 -8.74 27.38
C GLU A 47 2.55 -8.68 27.30
N ALA A 48 3.11 -9.00 26.14
CA ALA A 48 4.56 -8.96 25.97
C ALA A 48 5.11 -7.56 26.24
N GLY A 49 6.34 -7.50 26.75
CA GLY A 49 6.98 -6.24 27.05
C GLY A 49 6.88 -5.89 28.53
N LYS A 50 6.96 -4.60 28.84
CA LYS A 50 6.88 -4.15 30.22
C LYS A 50 5.57 -4.65 30.81
N ALA A 51 5.63 -5.12 32.06
CA ALA A 51 4.45 -5.65 32.73
C ALA A 51 3.44 -4.57 33.09
N ASP A 52 2.16 -4.94 33.08
CA ASP A 52 1.09 -4.01 33.42
C ASP A 52 1.38 -3.37 34.78
N ALA A 53 1.78 -4.20 35.74
CA ALA A 53 2.10 -3.74 37.08
C ALA A 53 3.16 -2.64 37.06
N ASP A 54 4.17 -2.81 36.21
CA ASP A 54 5.23 -1.82 36.11
C ASP A 54 4.76 -0.54 35.45
N VAL A 55 3.80 -0.67 34.53
CA VAL A 55 3.26 0.49 33.86
C VAL A 55 2.32 1.23 34.80
N ASN A 56 1.46 0.47 35.49
CA ASN A 56 0.51 1.05 36.41
C ASN A 56 1.10 1.62 37.69
N LYS A 57 2.18 1.02 38.17
CA LYS A 57 2.81 1.50 39.41
C LYS A 57 3.15 2.97 39.27
N ARG A 58 3.45 3.39 38.06
CA ARG A 58 3.82 4.77 37.78
C ARG A 58 2.59 5.65 37.49
N GLY A 59 1.41 5.13 37.83
CA GLY A 59 0.18 5.88 37.61
C GLY A 59 -0.26 5.98 36.16
N GLU A 60 0.40 5.23 35.29
CA GLU A 60 0.07 5.25 33.87
C GLU A 60 -0.72 3.99 33.50
N LEU A 61 -1.65 4.13 32.56
CA LEU A 61 -2.46 3.00 32.12
C LEU A 61 -1.85 2.38 30.88
N THR A 62 -2.26 1.15 30.57
CA THR A 62 -1.77 0.46 29.37
C THR A 62 -2.76 0.78 28.23
N ALA A 63 -2.40 0.40 27.01
CA ALA A 63 -3.26 0.64 25.86
C ALA A 63 -4.63 -0.02 26.04
N LEU A 64 -4.63 -1.27 26.50
CA LEU A 64 -5.89 -1.99 26.70
C LEU A 64 -6.74 -1.37 27.79
N GLN A 65 -6.09 -0.87 28.84
CA GLN A 65 -6.81 -0.24 29.94
C GLN A 65 -7.41 1.08 29.47
N ARG A 66 -6.66 1.83 28.66
CA ARG A 66 -7.19 3.09 28.15
C ARG A 66 -8.40 2.82 27.25
N ILE A 67 -8.26 1.86 26.34
CA ILE A 67 -9.35 1.52 25.43
C ILE A 67 -10.60 1.10 26.20
N GLU A 68 -10.39 0.31 27.24
CA GLU A 68 -11.49 -0.18 28.07
C GLU A 68 -12.30 0.97 28.66
N LYS A 69 -11.62 2.05 29.03
CA LYS A 69 -12.29 3.21 29.61
C LYS A 69 -12.77 4.19 28.54
N LEU A 70 -12.29 4.02 27.31
CA LEU A 70 -12.67 4.90 26.22
C LEU A 70 -13.94 4.50 25.47
N VAL A 71 -14.02 3.23 25.08
CA VAL A 71 -15.16 2.74 24.31
C VAL A 71 -16.35 2.26 25.13
N GLU A 72 -17.53 2.29 24.52
CA GLU A 72 -18.74 1.85 25.20
C GLU A 72 -18.59 0.36 25.48
N PRO A 73 -18.94 -0.07 26.71
CA PRO A 73 -18.84 -1.48 27.11
C PRO A 73 -19.40 -2.45 26.08
N GLY A 74 -18.60 -3.45 25.74
CA GLY A 74 -19.03 -4.45 24.77
C GLY A 74 -19.02 -4.06 23.31
N SER A 75 -18.51 -2.87 22.97
CA SER A 75 -18.48 -2.44 21.56
C SER A 75 -17.14 -2.70 20.89
N TRP A 76 -16.15 -3.13 21.66
CA TRP A 76 -14.84 -3.39 21.11
C TRP A 76 -14.81 -4.55 20.12
N ARG A 77 -14.27 -4.29 18.92
CA ARG A 77 -14.15 -5.29 17.86
C ARG A 77 -12.66 -5.33 17.48
N PRO A 78 -11.89 -6.20 18.13
CA PRO A 78 -10.44 -6.31 17.84
C PRO A 78 -10.12 -6.48 16.37
N LEU A 79 -9.08 -5.79 15.92
CA LEU A 79 -8.62 -5.88 14.53
C LEU A 79 -7.09 -5.95 14.49
N ASN A 80 -6.56 -6.86 13.68
CA ASN A 80 -5.12 -7.02 13.52
C ASN A 80 -4.33 -7.35 14.79
N THR A 81 -4.98 -7.97 15.77
CA THR A 81 -4.29 -8.31 17.01
C THR A 81 -3.03 -9.13 16.77
N LEU A 82 -3.12 -10.10 15.85
CA LEU A 82 -1.97 -10.94 15.56
C LEU A 82 -1.17 -10.52 14.35
N PHE A 83 -1.53 -9.40 13.73
CA PHE A 83 -0.82 -8.90 12.54
C PHE A 83 0.66 -8.72 12.86
N ASN A 84 1.51 -9.41 12.12
CA ASN A 84 2.95 -9.35 12.32
C ASN A 84 3.62 -9.82 11.03
N PRO A 85 3.37 -9.10 9.93
CA PRO A 85 3.93 -9.44 8.62
C PRO A 85 5.43 -9.67 8.56
N GLN A 86 6.20 -8.97 9.39
CA GLN A 86 7.63 -9.14 9.35
C GLN A 86 8.19 -9.99 10.48
N GLY A 87 7.29 -10.72 11.14
CA GLY A 87 7.68 -11.61 12.22
C GLY A 87 8.49 -11.08 13.38
N ASN A 88 8.02 -10.04 14.05
CA ASN A 88 8.75 -9.52 15.20
C ASN A 88 8.66 -10.64 16.24
N LYS A 89 9.73 -10.84 17.01
CA LYS A 89 9.74 -11.90 18.01
C LYS A 89 8.57 -11.92 18.99
N ASN A 90 8.12 -10.74 19.44
CA ASN A 90 7.02 -10.69 20.38
C ASN A 90 5.65 -10.88 19.72
N GLY A 91 5.65 -11.15 18.42
CA GLY A 91 4.42 -11.37 17.68
C GLY A 91 3.48 -10.18 17.63
N SER A 92 4.02 -8.99 17.88
CA SER A 92 3.22 -7.78 17.89
C SER A 92 3.76 -6.70 16.99
N VAL A 93 2.90 -5.74 16.66
CA VAL A 93 3.28 -4.63 15.82
C VAL A 93 3.25 -3.37 16.70
N ALA A 94 3.15 -3.61 18.01
CA ALA A 94 3.14 -2.56 19.03
C ALA A 94 2.01 -1.54 19.03
N ILE A 95 0.82 -1.97 18.62
CA ILE A 95 -0.34 -1.10 18.65
C ILE A 95 -1.57 -1.98 18.88
N VAL A 96 -2.55 -1.44 19.60
CA VAL A 96 -3.77 -2.18 19.84
C VAL A 96 -4.82 -1.48 19.01
N LYS A 97 -5.39 -2.18 18.04
CA LYS A 97 -6.39 -1.58 17.16
C LYS A 97 -7.72 -2.31 17.16
N GLY A 98 -8.76 -1.58 16.81
CA GLY A 98 -10.08 -2.16 16.73
C GLY A 98 -11.13 -1.13 16.36
N LEU A 99 -12.35 -1.62 16.21
CA LEU A 99 -13.49 -0.78 15.92
C LEU A 99 -14.17 -0.68 17.27
N GLY A 100 -14.56 0.52 17.67
CA GLY A 100 -15.22 0.67 18.95
C GLY A 100 -16.12 1.88 18.94
N ARG A 101 -17.17 1.86 19.75
CA ARG A 101 -18.06 3.00 19.83
C ARG A 101 -17.52 3.94 20.90
N VAL A 102 -17.32 5.20 20.51
CA VAL A 102 -16.82 6.21 21.42
C VAL A 102 -17.91 7.28 21.48
N ASN A 103 -18.53 7.42 22.66
CA ASN A 103 -19.58 8.39 22.87
C ASN A 103 -20.58 8.45 21.71
N GLY A 104 -21.16 7.30 21.37
CA GLY A 104 -22.16 7.27 20.31
C GLY A 104 -21.67 7.11 18.88
N LYS A 105 -20.36 7.02 18.67
CA LYS A 105 -19.86 6.87 17.31
C LYS A 105 -18.89 5.72 17.10
N TRP A 106 -19.15 4.93 16.07
CA TRP A 106 -18.24 3.85 15.72
C TRP A 106 -16.99 4.56 15.21
N CYS A 107 -15.84 4.16 15.71
CA CYS A 107 -14.57 4.76 15.32
C CYS A 107 -13.51 3.67 15.14
N VAL A 108 -12.49 3.97 14.34
CA VAL A 108 -11.39 3.05 14.17
C VAL A 108 -10.47 3.57 15.28
N VAL A 109 -10.12 2.70 16.23
CA VAL A 109 -9.28 3.12 17.34
C VAL A 109 -7.89 2.50 17.31
N VAL A 110 -6.88 3.35 17.41
CA VAL A 110 -5.49 2.91 17.41
C VAL A 110 -4.80 3.43 18.68
N ALA A 111 -4.31 2.51 19.50
CA ALA A 111 -3.64 2.88 20.73
C ALA A 111 -2.20 2.38 20.74
N SER A 112 -1.26 3.30 20.97
CA SER A 112 0.15 2.94 21.04
C SER A 112 0.29 1.97 22.21
N ASP A 113 1.06 0.90 22.02
CA ASP A 113 1.25 -0.07 23.09
C ASP A 113 2.50 0.33 23.88
N ASN A 114 2.31 1.06 24.98
CA ASN A 114 3.43 1.53 25.78
C ASN A 114 4.21 0.46 26.53
N LYS A 115 3.75 -0.78 26.50
CA LYS A 115 4.45 -1.87 27.17
C LYS A 115 5.64 -2.26 26.30
N LYS A 116 5.58 -1.88 25.03
CA LYS A 116 6.63 -2.22 24.08
C LYS A 116 7.44 -0.99 23.64
N LEU A 117 8.59 -0.81 24.30
CA LEU A 117 9.49 0.30 24.02
C LEU A 117 8.77 1.64 23.93
N ALA A 118 7.87 1.86 24.89
CA ALA A 118 7.09 3.10 24.96
C ALA A 118 6.46 3.47 23.60
N GLY A 119 5.84 2.48 22.97
CA GLY A 119 5.18 2.69 21.69
C GLY A 119 6.08 2.97 20.49
N ALA A 120 7.28 2.39 20.49
CA ALA A 120 8.21 2.60 19.39
C ALA A 120 7.70 1.99 18.08
N TRP A 121 8.17 2.53 16.97
CA TRP A 121 7.80 2.03 15.65
C TRP A 121 8.56 0.74 15.41
N VAL A 122 7.84 -0.33 15.07
CA VAL A 122 8.45 -1.62 14.79
C VAL A 122 8.03 -2.11 13.41
N PRO A 123 8.82 -3.03 12.80
CA PRO A 123 8.50 -3.56 11.47
C PRO A 123 7.06 -4.04 11.35
N GLY A 124 6.36 -3.55 10.34
CA GLY A 124 4.97 -3.94 10.14
C GLY A 124 3.96 -2.97 10.71
N GLN A 125 4.38 -2.14 11.66
CA GLN A 125 3.44 -1.19 12.27
C GLN A 125 2.83 -0.22 11.27
N ALA A 126 3.67 0.37 10.42
CA ALA A 126 3.19 1.33 9.43
C ALA A 126 2.04 0.72 8.62
N GLU A 127 2.26 -0.49 8.13
CA GLU A 127 1.24 -1.17 7.34
C GLU A 127 -0.05 -1.31 8.15
N CYS A 128 0.09 -1.55 9.44
CA CYS A 128 -1.07 -1.71 10.30
C CYS A 128 -1.80 -0.36 10.43
N LEU A 129 -1.03 0.72 10.48
CA LEU A 129 -1.61 2.07 10.60
C LEU A 129 -2.26 2.50 9.31
N LEU A 130 -1.68 2.10 8.17
CA LEU A 130 -2.26 2.46 6.88
C LEU A 130 -3.61 1.75 6.70
N ARG A 131 -3.72 0.53 7.23
CA ARG A 131 -4.98 -0.19 7.14
C ARG A 131 -6.02 0.51 8.00
N ALA A 132 -5.54 1.08 9.11
CA ALA A 132 -6.44 1.79 10.02
C ALA A 132 -7.03 3.02 9.33
N SER A 133 -6.18 3.85 8.74
CA SER A 133 -6.71 5.05 8.07
C SER A 133 -7.56 4.65 6.86
N ASP A 134 -7.19 3.55 6.19
CA ASP A 134 -7.95 3.07 5.04
C ASP A 134 -9.35 2.65 5.46
N THR A 135 -9.45 1.98 6.61
CA THR A 135 -10.75 1.54 7.10
C THR A 135 -11.60 2.76 7.40
N ALA A 136 -10.99 3.75 8.04
CA ALA A 136 -11.71 4.98 8.38
C ALA A 136 -12.17 5.69 7.09
N LYS A 137 -11.31 5.69 6.07
CA LYS A 137 -11.67 6.34 4.81
C LYS A 137 -12.81 5.60 4.10
N THR A 138 -12.71 4.27 4.09
CA THR A 138 -13.73 3.45 3.45
C THR A 138 -15.11 3.60 4.10
N LEU A 139 -15.14 3.59 5.43
CA LEU A 139 -16.40 3.69 6.16
C LEU A 139 -16.82 5.11 6.51
N HIS A 140 -15.94 6.06 6.27
CA HIS A 140 -16.20 7.46 6.61
C HIS A 140 -16.58 7.62 8.08
N VAL A 141 -15.74 7.05 8.95
CA VAL A 141 -15.94 7.16 10.40
C VAL A 141 -14.64 7.73 10.95
N PRO A 142 -14.69 8.38 12.12
CA PRO A 142 -13.50 8.97 12.71
C PRO A 142 -12.38 7.99 13.04
N LEU A 143 -11.15 8.49 12.98
CA LEU A 143 -9.97 7.70 13.32
C LEU A 143 -9.52 8.30 14.65
N VAL A 144 -9.41 7.45 15.66
CA VAL A 144 -9.02 7.90 16.99
C VAL A 144 -7.70 7.32 17.43
N TYR A 145 -6.79 8.20 17.81
CA TYR A 145 -5.47 7.79 18.30
C TYR A 145 -5.34 8.01 19.81
N VAL A 146 -4.83 6.99 20.50
CA VAL A 146 -4.58 7.04 21.93
C VAL A 146 -3.05 6.92 21.86
N LEU A 147 -2.41 8.05 21.59
CA LEU A 147 -0.98 8.12 21.38
C LEU A 147 -0.02 8.15 22.58
N ASN A 148 1.06 7.38 22.43
CA ASN A 148 2.10 7.24 23.45
C ASN A 148 3.21 6.61 22.61
N CYS A 149 3.77 7.42 21.69
CA CYS A 149 4.76 6.97 20.72
C CYS A 149 6.17 7.54 20.79
N SER A 150 7.13 6.66 21.11
CA SER A 150 8.53 7.04 21.22
C SER A 150 9.18 7.18 19.84
N GLY A 151 8.46 6.74 18.81
CA GLY A 151 8.98 6.84 17.45
C GLY A 151 9.82 5.68 16.97
N VAL A 152 10.61 5.94 15.95
CA VAL A 152 11.48 4.93 15.35
C VAL A 152 12.34 4.11 16.31
N LYS A 153 12.43 2.82 16.02
CA LYS A 153 13.26 1.90 16.80
C LYS A 153 14.56 1.81 15.99
N PHE A 154 15.54 2.63 16.37
CA PHE A 154 16.84 2.69 15.70
C PHE A 154 17.38 1.34 15.26
N ASP A 155 17.08 0.31 16.05
CA ASP A 155 17.52 -1.05 15.80
C ASP A 155 17.15 -1.59 14.40
N GLU A 156 15.95 -1.25 13.93
CA GLU A 156 15.49 -1.71 12.63
C GLU A 156 15.01 -0.50 11.84
N GLN A 157 15.73 0.58 12.05
CA GLN A 157 15.51 1.88 11.44
C GLN A 157 15.08 1.86 9.96
N GLU A 158 15.88 1.24 9.11
CA GLU A 158 15.58 1.20 7.68
C GLU A 158 14.29 0.46 7.33
N LYS A 159 13.68 -0.21 8.31
CA LYS A 159 12.45 -0.95 8.07
C LYS A 159 11.19 -0.20 8.51
N VAL A 160 11.36 0.89 9.26
CA VAL A 160 10.20 1.62 9.76
C VAL A 160 10.17 3.12 9.46
N TYR A 161 11.34 3.70 9.28
CA TYR A 161 11.44 5.14 9.02
C TYR A 161 11.18 5.62 7.60
N PRO A 162 11.91 5.10 6.60
CA PRO A 162 11.77 5.51 5.21
C PRO A 162 10.69 4.82 4.40
N ASN A 163 10.83 4.95 3.09
CA ASN A 163 9.97 4.32 2.09
C ASN A 163 8.57 4.89 1.89
N ARG A 164 7.98 4.53 0.76
CA ARG A 164 6.65 4.99 0.36
C ARG A 164 5.59 4.62 1.38
N ARG A 165 5.76 3.48 2.02
CA ARG A 165 4.78 3.02 3.01
C ARG A 165 5.42 2.84 4.39
N GLY A 166 6.20 3.83 4.81
CA GLY A 166 6.85 3.74 6.11
C GLY A 166 6.13 4.59 7.14
N GLY A 167 6.82 4.89 8.25
CA GLY A 167 6.22 5.66 9.33
C GLY A 167 5.73 7.06 9.00
N GLY A 168 6.24 7.65 7.92
CA GLY A 168 5.81 8.99 7.57
C GLY A 168 4.53 9.03 6.76
N THR A 169 4.19 7.91 6.15
CA THR A 169 3.00 7.84 5.30
C THR A 169 1.70 8.15 6.06
N PRO A 170 1.56 7.67 7.30
CA PRO A 170 0.33 7.95 8.06
C PRO A 170 0.02 9.44 8.21
N PHE A 171 1.06 10.28 8.17
CA PHE A 171 0.87 11.73 8.31
C PHE A 171 0.19 12.29 7.06
N PHE A 172 0.47 11.71 5.89
CA PHE A 172 -0.18 12.18 4.68
C PHE A 172 -1.59 11.64 4.69
N ARG A 173 -1.77 10.43 5.20
CA ARG A 173 -3.10 9.83 5.25
C ARG A 173 -4.01 10.59 6.20
N ASN A 174 -3.44 11.12 7.29
CA ASN A 174 -4.23 11.88 8.24
C ASN A 174 -4.67 13.20 7.60
N ALA A 175 -3.83 13.75 6.73
CA ALA A 175 -4.19 14.98 6.04
C ALA A 175 -5.30 14.64 5.05
N GLU A 176 -5.18 13.48 4.39
CA GLU A 176 -6.20 13.07 3.42
C GLU A 176 -7.55 12.90 4.11
N LEU A 177 -7.55 12.24 5.26
CA LEU A 177 -8.79 12.02 6.00
C LEU A 177 -9.44 13.37 6.30
N ASN A 178 -8.65 14.31 6.80
CA ASN A 178 -9.19 15.63 7.09
C ASN A 178 -9.78 16.23 5.83
N GLN A 179 -9.00 16.21 4.75
CA GLN A 179 -9.43 16.76 3.48
C GLN A 179 -10.69 16.09 2.96
N LEU A 180 -10.90 14.83 3.35
CA LEU A 180 -12.10 14.10 2.94
C LEU A 180 -13.26 14.37 3.91
N GLY A 181 -13.02 15.20 4.92
CA GLY A 181 -14.07 15.48 5.88
C GLY A 181 -14.23 14.40 6.93
N ILE A 182 -13.15 13.65 7.16
CA ILE A 182 -13.16 12.56 8.16
C ILE A 182 -12.19 12.98 9.26
N PRO A 183 -12.74 13.37 10.43
CA PRO A 183 -11.93 13.81 11.56
C PRO A 183 -11.03 12.74 12.17
N VAL A 184 -9.87 13.18 12.63
CA VAL A 184 -8.91 12.33 13.31
C VAL A 184 -8.76 12.98 14.67
N ILE A 185 -9.03 12.23 15.74
CA ILE A 185 -8.94 12.77 17.09
C ILE A 185 -7.84 12.05 17.84
N VAL A 186 -6.99 12.81 18.55
CA VAL A 186 -5.91 12.21 19.31
C VAL A 186 -5.82 12.68 20.77
N GLY A 187 -5.44 11.75 21.63
CA GLY A 187 -5.23 12.04 23.04
C GLY A 187 -3.81 11.58 23.22
N ILE A 188 -2.89 12.45 23.63
CA ILE A 188 -1.50 12.05 23.78
C ILE A 188 -1.00 11.89 25.22
N TYR A 189 -0.13 10.91 25.39
CA TYR A 189 0.46 10.61 26.68
C TYR A 189 1.98 10.46 26.52
N GLY A 190 2.71 10.80 27.57
CA GLY A 190 4.16 10.66 27.55
C GLY A 190 4.90 11.55 26.58
N THR A 191 6.06 11.08 26.16
CA THR A 191 6.92 11.81 25.23
C THR A 191 6.65 11.33 23.81
N ASN A 192 6.48 12.29 22.90
CA ASN A 192 6.19 11.99 21.50
C ASN A 192 7.01 12.89 20.58
N PRO A 193 8.30 12.57 20.41
CA PRO A 193 9.17 13.36 19.54
C PRO A 193 9.23 12.77 18.15
N ALA A 194 9.69 13.54 17.17
CA ALA A 194 9.81 13.08 15.80
C ALA A 194 8.54 12.40 15.29
N GLY A 195 8.63 11.12 14.98
CA GLY A 195 7.48 10.38 14.49
C GLY A 195 6.28 10.54 15.40
N GLY A 196 6.53 10.48 16.71
CA GLY A 196 5.46 10.62 17.66
C GLY A 196 4.92 12.04 17.59
N GLY A 197 5.82 12.98 17.36
CA GLY A 197 5.42 14.37 17.26
C GLY A 197 4.47 14.54 16.08
N TYR A 198 4.80 13.92 14.95
CA TYR A 198 3.93 14.05 13.79
C TYR A 198 2.61 13.32 13.98
N HIS A 199 2.62 12.25 14.77
CA HIS A 199 1.38 11.56 15.03
C HIS A 199 0.52 12.44 15.94
N SER A 200 1.18 13.33 16.67
CA SER A 200 0.48 14.24 17.57
C SER A 200 -0.12 15.44 16.86
N ILE A 201 0.64 16.01 15.92
CA ILE A 201 0.21 17.19 15.20
C ILE A 201 -0.70 16.96 13.98
N SER A 202 -0.61 15.79 13.34
CA SER A 202 -1.42 15.51 12.15
C SER A 202 -2.93 15.38 12.33
N PRO A 203 -3.39 14.96 13.52
CA PRO A 203 -4.83 14.83 13.74
C PRO A 203 -5.58 16.18 13.69
N THR A 204 -6.90 16.11 13.72
CA THR A 204 -7.76 17.29 13.67
C THR A 204 -7.81 18.01 15.03
N VAL A 205 -8.02 17.22 16.08
CA VAL A 205 -8.10 17.75 17.43
C VAL A 205 -7.06 17.08 18.32
N ILE A 206 -6.33 17.90 19.06
CA ILE A 206 -5.28 17.40 19.93
C ILE A 206 -5.58 17.59 21.41
N ILE A 207 -5.78 16.47 22.11
CA ILE A 207 -6.05 16.47 23.54
C ILE A 207 -4.77 15.94 24.21
N ALA A 208 -4.28 16.60 25.24
CA ALA A 208 -3.06 16.15 25.88
C ALA A 208 -3.13 15.89 27.37
N HIS A 209 -2.35 14.92 27.83
CA HIS A 209 -2.28 14.61 29.25
C HIS A 209 -1.33 15.69 29.75
N GLU A 210 -1.56 16.18 30.97
CA GLU A 210 -0.74 17.26 31.51
C GLU A 210 0.76 17.01 31.53
N LYS A 211 1.18 15.75 31.53
CA LYS A 211 2.61 15.44 31.56
C LYS A 211 3.17 15.08 30.19
N ALA A 212 2.31 15.11 29.16
CA ALA A 212 2.76 14.76 27.81
C ALA A 212 3.45 15.88 27.07
N ASN A 213 4.14 15.52 26.00
CA ASN A 213 4.83 16.49 25.16
C ASN A 213 4.81 16.00 23.71
N MET A 214 5.00 16.93 22.78
CA MET A 214 5.01 16.59 21.36
C MET A 214 6.01 17.54 20.71
N ALA A 215 6.90 17.00 19.89
CA ALA A 215 7.91 17.83 19.26
C ALA A 215 8.49 17.27 17.97
N VAL A 216 9.10 18.18 17.21
CA VAL A 216 9.76 17.85 15.95
C VAL A 216 10.89 16.87 16.23
N GLY A 217 11.60 17.10 17.33
CA GLY A 217 12.72 16.26 17.71
C GLY A 217 13.13 16.57 19.13
N GLY A 218 14.15 15.88 19.62
CA GLY A 218 14.59 16.09 20.99
C GLY A 218 15.87 16.88 21.20
N ALA A 219 16.64 17.09 20.13
CA ALA A 219 17.90 17.83 20.22
C ALA A 219 19.01 16.94 20.79
N GLY A 220 18.63 15.98 21.63
CA GLY A 220 19.59 15.07 22.22
C GLY A 220 20.75 15.69 22.99
N ILE A 221 21.96 15.37 22.57
CA ILE A 221 23.17 15.89 23.21
C ILE A 221 23.97 16.73 22.21
N MET A 222 23.64 16.65 20.94
CA MET A 222 24.21 17.40 19.85
C MET A 222 25.70 17.66 20.08
N GLY A 223 26.45 16.76 20.65
CA GLY A 223 27.88 16.95 20.84
C GLY A 223 28.61 16.65 19.54
N GLY A 224 28.25 17.38 18.49
CA GLY A 224 28.82 17.22 17.16
C GLY A 224 30.13 16.43 17.10
N MET A 225 31.12 16.89 17.86
CA MET A 225 32.43 16.22 17.91
C MET A 225 32.35 14.89 18.65
N ASN A 226 31.53 13.98 18.15
CA ASN A 226 31.36 12.66 18.75
C ASN A 226 32.56 11.78 18.44
N PRO A 227 33.74 12.22 18.88
CA PRO A 227 34.97 11.49 18.64
C PRO A 227 35.21 11.40 17.13
N LYS A 228 36.28 10.73 16.73
CA LYS A 228 36.60 10.59 15.31
C LYS A 228 35.40 10.02 14.57
N GLY A 229 34.72 9.07 15.21
CA GLY A 229 33.54 8.40 14.65
C GLY A 229 33.28 7.17 15.50
N HIS A 230 34.35 6.41 15.72
CA HIS A 230 34.30 5.18 16.51
C HIS A 230 34.07 5.54 17.98
N VAL A 231 33.21 4.79 18.65
CA VAL A 231 32.93 5.03 20.07
C VAL A 231 33.92 4.25 20.94
N ASP A 232 34.56 4.95 21.87
CA ASP A 232 35.54 4.33 22.76
C ASP A 232 35.19 4.57 24.22
N LEU A 233 35.92 3.92 25.12
CA LEU A 233 35.68 4.07 26.55
C LEU A 233 35.74 5.54 26.96
N GLU A 234 36.71 6.25 26.43
CA GLU A 234 36.87 7.67 26.76
C GLU A 234 35.60 8.42 26.40
N TYR A 235 35.16 8.27 25.15
CA TYR A 235 33.96 8.93 24.68
C TYR A 235 32.76 8.48 25.52
N ALA A 236 32.70 7.17 25.79
CA ALA A 236 31.62 6.63 26.60
C ALA A 236 31.64 7.36 27.94
N ASN A 237 32.85 7.69 28.39
CA ASN A 237 33.03 8.40 29.65
C ASN A 237 32.96 9.90 29.43
N GLU A 238 31.86 10.32 28.82
CA GLU A 238 31.61 11.72 28.53
C GLU A 238 30.10 11.78 28.40
N ILE A 239 29.56 10.77 27.76
CA ILE A 239 28.12 10.65 27.58
C ILE A 239 27.56 10.42 28.98
N ALA A 240 28.15 9.46 29.68
CA ALA A 240 27.72 9.13 31.03
C ALA A 240 27.85 10.38 31.88
N ASP A 241 28.98 11.06 31.76
CA ASP A 241 29.22 12.29 32.51
C ASP A 241 28.14 13.30 32.18
N MET A 242 27.97 13.56 30.89
CA MET A 242 26.97 14.50 30.43
C MET A 242 25.64 14.19 31.08
N VAL A 243 25.26 12.93 31.03
CA VAL A 243 24.02 12.48 31.63
C VAL A 243 23.97 12.91 33.09
N ASP A 244 25.09 12.76 33.78
CA ASP A 244 25.18 13.14 35.18
C ASP A 244 25.01 14.65 35.33
N ARG A 245 25.66 15.41 34.46
CA ARG A 245 25.58 16.86 34.50
C ARG A 245 24.24 17.35 33.96
N THR A 246 23.20 16.52 34.05
CA THR A 246 21.90 16.92 33.54
C THR A 246 20.70 16.36 34.30
N GLY A 247 20.71 15.06 34.55
CA GLY A 247 19.60 14.45 35.25
C GLY A 247 18.30 14.79 34.55
N LYS A 248 17.25 15.04 35.32
CA LYS A 248 15.96 15.38 34.74
C LYS A 248 16.07 16.60 33.84
N THR A 249 15.20 16.67 32.84
CA THR A 249 15.18 17.77 31.89
C THR A 249 13.93 17.66 31.03
N GLU A 250 12.95 18.52 31.29
CA GLU A 250 11.71 18.51 30.52
C GLU A 250 12.00 18.53 29.02
N PRO A 251 11.53 17.50 28.30
CA PRO A 251 11.73 17.40 26.85
C PRO A 251 11.03 18.57 26.18
N PRO A 252 11.41 18.90 24.95
CA PRO A 252 10.78 20.01 24.23
C PRO A 252 9.30 19.74 23.94
N GLY A 253 8.52 20.79 23.76
CA GLY A 253 7.12 20.63 23.43
C GLY A 253 6.16 20.15 24.51
N ALA A 254 6.45 20.46 25.78
CA ALA A 254 5.56 20.07 26.85
C ALA A 254 4.33 21.00 26.85
N VAL A 255 3.39 20.75 27.75
CA VAL A 255 2.18 21.55 27.83
C VAL A 255 2.45 23.06 27.95
N ASP A 256 3.52 23.42 28.67
CA ASP A 256 3.87 24.83 28.85
C ASP A 256 4.21 25.48 27.52
N ILE A 257 4.53 24.65 26.53
CA ILE A 257 4.87 25.14 25.20
C ILE A 257 3.69 25.02 24.24
N HIS A 258 3.22 23.80 24.01
CA HIS A 258 2.15 23.58 23.06
C HIS A 258 0.73 23.86 23.49
N TYR A 259 0.54 24.23 24.75
CA TYR A 259 -0.79 24.63 25.17
C TYR A 259 -0.72 26.13 25.37
N THR A 260 0.11 26.55 26.32
CA THR A 260 0.26 27.96 26.65
C THR A 260 0.79 28.86 25.55
N GLU A 261 1.81 28.43 24.83
CA GLU A 261 2.38 29.26 23.76
C GLU A 261 1.70 29.09 22.40
N THR A 262 1.91 27.93 21.78
CA THR A 262 1.37 27.66 20.44
C THR A 262 -0.12 27.39 20.36
N GLY A 263 -0.70 26.86 21.43
CA GLY A 263 -2.11 26.56 21.41
C GLY A 263 -2.43 25.36 20.52
N PHE A 264 -1.41 24.56 20.17
CA PHE A 264 -1.65 23.39 19.33
C PHE A 264 -2.53 22.41 20.09
N MET A 265 -2.24 22.21 21.38
CA MET A 265 -3.05 21.33 22.22
C MET A 265 -4.32 22.12 22.51
N ARG A 266 -5.48 21.56 22.16
CA ARG A 266 -6.73 22.28 22.39
C ARG A 266 -7.19 22.20 23.83
N GLU A 267 -6.89 21.10 24.50
CA GLU A 267 -7.30 20.94 25.89
C GLU A 267 -6.35 20.01 26.61
N VAL A 268 -6.10 20.29 27.90
CA VAL A 268 -5.19 19.46 28.69
C VAL A 268 -5.92 18.89 29.90
N TYR A 269 -5.66 17.63 30.21
CA TYR A 269 -6.27 16.97 31.36
C TYR A 269 -5.16 16.47 32.28
N ALA A 270 -5.44 16.45 33.58
CA ALA A 270 -4.46 16.01 34.58
C ALA A 270 -4.41 14.50 34.76
N SER A 271 -5.55 13.83 34.51
CA SER A 271 -5.60 12.38 34.68
C SER A 271 -5.72 11.63 33.35
N GLU A 272 -5.30 10.37 33.35
CA GLU A 272 -5.36 9.53 32.16
C GLU A 272 -6.80 9.43 31.69
N GLU A 273 -7.72 9.28 32.65
CA GLU A 273 -9.13 9.17 32.36
C GLU A 273 -9.66 10.47 31.75
N GLY A 274 -9.15 11.60 32.22
CA GLY A 274 -9.57 12.88 31.70
C GLY A 274 -9.32 12.95 30.20
N VAL A 275 -8.11 12.60 29.79
CA VAL A 275 -7.74 12.63 28.38
C VAL A 275 -8.79 11.88 27.55
N LEU A 276 -9.15 10.68 28.02
CA LEU A 276 -10.14 9.87 27.32
C LEU A 276 -11.49 10.58 27.29
N GLU A 277 -11.79 11.30 28.36
CA GLU A 277 -13.05 12.04 28.43
C GLU A 277 -13.01 13.15 27.39
N GLY A 278 -11.82 13.72 27.17
CA GLY A 278 -11.64 14.77 26.20
C GLY A 278 -11.89 14.21 24.80
N ILE A 279 -11.38 13.02 24.55
CA ILE A 279 -11.58 12.39 23.25
C ILE A 279 -13.07 12.18 23.03
N LYS A 280 -13.76 11.64 24.03
CA LYS A 280 -15.20 11.41 23.95
C LYS A 280 -15.97 12.70 23.68
N LYS A 281 -15.53 13.78 24.32
CA LYS A 281 -16.17 15.07 24.17
C LYS A 281 -16.11 15.54 22.72
N TYR A 282 -14.91 15.52 22.14
CA TYR A 282 -14.77 15.95 20.76
C TYR A 282 -15.33 14.96 19.76
N VAL A 283 -15.28 13.66 20.05
CA VAL A 283 -15.85 12.68 19.14
C VAL A 283 -17.37 12.88 19.17
N GLY A 284 -17.89 13.31 20.32
CA GLY A 284 -19.33 13.53 20.44
C GLY A 284 -19.84 14.70 19.62
N MET A 285 -18.97 15.68 19.36
CA MET A 285 -19.36 16.83 18.57
C MET A 285 -19.40 16.52 17.08
N LEU A 286 -18.86 15.36 16.69
CA LEU A 286 -18.82 14.99 15.29
C LEU A 286 -20.21 14.61 14.76
N PRO A 287 -20.41 14.71 13.44
CA PRO A 287 -21.69 14.38 12.80
C PRO A 287 -21.97 12.88 12.67
N LYS A 288 -23.24 12.53 12.62
CA LYS A 288 -23.69 11.15 12.44
C LYS A 288 -25.18 11.20 12.20
N TYR A 289 -25.71 10.19 11.51
CA TYR A 289 -27.16 10.12 11.30
C TYR A 289 -27.68 9.26 12.44
N ASP A 290 -28.87 9.59 12.93
CA ASP A 290 -29.50 8.77 13.96
C ASP A 290 -29.77 7.48 13.16
N PRO A 291 -29.32 6.31 13.65
CA PRO A 291 -29.54 5.06 12.93
C PRO A 291 -30.96 4.85 12.40
N GLU A 292 -31.96 5.29 13.17
CA GLU A 292 -33.35 5.13 12.77
C GLU A 292 -33.60 5.69 11.38
N PHE A 293 -32.86 6.73 11.03
CA PHE A 293 -33.03 7.39 9.74
C PHE A 293 -32.90 6.39 8.59
N PHE A 294 -31.93 5.48 8.71
CA PHE A 294 -31.67 4.50 7.67
C PHE A 294 -32.26 3.12 7.88
N ARG A 295 -33.00 2.93 8.96
CA ARG A 295 -33.61 1.62 9.20
C ARG A 295 -34.86 1.43 8.38
N VAL A 296 -35.15 0.17 8.06
CA VAL A 296 -36.34 -0.19 7.30
C VAL A 296 -37.18 -1.13 8.18
N ASP A 297 -36.68 -1.40 9.38
CA ASP A 297 -37.36 -2.31 10.30
C ASP A 297 -36.73 -2.15 11.68
N ASP A 298 -37.41 -2.64 12.72
CA ASP A 298 -36.85 -2.55 14.06
C ASP A 298 -35.70 -3.55 14.16
N PRO A 299 -34.66 -3.23 14.93
CA PRO A 299 -33.56 -4.17 15.06
C PRO A 299 -34.11 -5.50 15.58
N LYS A 300 -33.63 -6.61 15.03
CA LYS A 300 -34.08 -7.93 15.45
C LYS A 300 -32.93 -8.91 15.45
N ALA A 301 -32.79 -9.66 16.53
CA ALA A 301 -31.72 -10.65 16.62
C ALA A 301 -32.01 -11.78 15.63
N PRO A 302 -30.97 -12.52 15.23
CA PRO A 302 -31.21 -13.63 14.29
C PRO A 302 -32.20 -14.57 14.97
N ALA A 303 -32.92 -15.36 14.18
CA ALA A 303 -33.91 -16.27 14.75
C ALA A 303 -33.33 -17.57 15.30
N PHE A 304 -32.03 -17.76 15.19
CA PHE A 304 -31.40 -18.98 15.70
C PHE A 304 -30.15 -18.63 16.48
N PRO A 305 -29.78 -19.46 17.47
CA PRO A 305 -28.60 -19.23 18.30
C PRO A 305 -27.32 -19.22 17.48
N ALA A 306 -26.44 -18.28 17.78
CA ALA A 306 -25.17 -18.17 17.08
C ALA A 306 -24.30 -19.38 17.34
N ASP A 307 -24.36 -19.91 18.56
CA ASP A 307 -23.56 -21.07 18.94
C ASP A 307 -23.79 -22.30 18.07
N ASP A 308 -24.92 -22.36 17.38
CA ASP A 308 -25.22 -23.50 16.51
C ASP A 308 -24.13 -23.62 15.44
N LEU A 309 -23.53 -22.49 15.08
CA LEU A 309 -22.48 -22.47 14.06
C LEU A 309 -21.32 -23.39 14.43
N TYR A 310 -21.09 -23.59 15.71
CA TYR A 310 -20.00 -24.47 16.15
C TYR A 310 -20.27 -25.89 15.67
N SER A 311 -21.51 -26.16 15.32
CA SER A 311 -21.88 -27.47 14.81
C SER A 311 -22.15 -27.42 13.31
N MET A 312 -22.75 -26.33 12.84
CA MET A 312 -23.10 -26.21 11.43
C MET A 312 -21.98 -25.80 10.46
N VAL A 313 -20.88 -25.29 10.98
CA VAL A 313 -19.77 -24.91 10.11
C VAL A 313 -18.70 -25.99 10.28
N PRO A 314 -18.61 -26.91 9.31
CA PRO A 314 -17.65 -28.01 9.33
C PRO A 314 -16.20 -27.58 9.18
N LEU A 315 -15.36 -27.97 10.14
CA LEU A 315 -13.94 -27.65 10.07
C LEU A 315 -13.37 -28.49 8.94
N ASN A 316 -13.94 -29.68 8.75
CA ASN A 316 -13.53 -30.60 7.69
C ASN A 316 -13.98 -30.00 6.37
N ASP A 317 -13.04 -29.51 5.57
CA ASP A 317 -13.40 -28.88 4.30
C ASP A 317 -13.95 -29.83 3.25
N LYS A 318 -14.09 -31.11 3.59
CA LYS A 318 -14.63 -32.08 2.65
C LYS A 318 -16.14 -32.23 2.88
N ARG A 319 -16.61 -31.73 4.00
CA ARG A 319 -18.02 -31.80 4.35
C ARG A 319 -18.74 -30.54 3.88
N ALA A 320 -19.90 -30.72 3.26
CA ALA A 320 -20.67 -29.57 2.79
C ALA A 320 -21.60 -29.15 3.92
N TYR A 321 -22.30 -28.03 3.72
CA TYR A 321 -23.25 -27.54 4.73
C TYR A 321 -24.21 -26.58 4.06
N ASP A 322 -25.22 -26.13 4.80
CA ASP A 322 -26.20 -25.22 4.25
C ASP A 322 -25.80 -23.78 4.60
N ILE A 323 -25.33 -23.05 3.60
CA ILE A 323 -24.91 -21.66 3.80
C ILE A 323 -26.03 -20.84 4.44
N TYR A 324 -27.28 -21.21 4.17
CA TYR A 324 -28.41 -20.48 4.75
C TYR A 324 -28.42 -20.52 6.28
N ASN A 325 -27.80 -21.55 6.86
CA ASN A 325 -27.75 -21.63 8.32
C ASN A 325 -26.82 -20.55 8.86
N VAL A 326 -25.82 -20.20 8.08
CA VAL A 326 -24.88 -19.16 8.49
C VAL A 326 -25.56 -17.81 8.33
N ILE A 327 -26.19 -17.61 7.19
CA ILE A 327 -26.89 -16.36 6.93
C ILE A 327 -27.95 -16.14 7.99
N ALA A 328 -28.69 -17.20 8.31
CA ALA A 328 -29.77 -17.14 9.28
C ALA A 328 -29.31 -16.72 10.66
N ARG A 329 -28.04 -16.94 10.97
CA ARG A 329 -27.51 -16.59 12.27
C ARG A 329 -26.69 -15.30 12.33
N LEU A 330 -26.60 -14.59 11.21
CA LEU A 330 -25.83 -13.36 11.18
C LEU A 330 -26.69 -12.13 10.85
N PHE A 331 -27.87 -12.35 10.28
CA PHE A 331 -28.73 -11.24 9.93
C PHE A 331 -30.05 -11.22 10.68
N ASP A 332 -30.56 -10.02 10.91
CA ASP A 332 -31.81 -9.82 11.64
C ASP A 332 -32.92 -10.81 11.31
N ASN A 333 -33.47 -11.40 12.37
CA ASN A 333 -34.58 -12.34 12.27
C ASN A 333 -34.39 -13.43 11.22
N SER A 334 -33.14 -13.70 10.87
CA SER A 334 -32.86 -14.73 9.87
C SER A 334 -33.56 -14.45 8.54
N GLU A 335 -33.88 -13.19 8.28
CA GLU A 335 -34.53 -12.82 7.04
C GLU A 335 -33.54 -12.62 5.90
N LEU A 336 -33.97 -12.97 4.70
CA LEU A 336 -33.16 -12.84 3.49
C LEU A 336 -34.07 -12.90 2.28
N HIS A 337 -34.03 -11.85 1.46
CA HIS A 337 -34.83 -11.83 0.26
C HIS A 337 -33.82 -11.92 -0.89
N GLU A 338 -33.72 -13.10 -1.48
CA GLU A 338 -32.78 -13.35 -2.56
C GLU A 338 -33.08 -12.68 -3.89
N TYR A 339 -32.01 -12.30 -4.56
CA TYR A 339 -32.06 -11.69 -5.87
C TYR A 339 -31.76 -12.81 -6.86
N LYS A 340 -32.68 -13.03 -7.80
CA LYS A 340 -32.54 -14.05 -8.82
C LYS A 340 -32.17 -15.45 -8.32
N LYS A 341 -32.96 -15.97 -7.39
CA LYS A 341 -32.69 -17.31 -6.86
C LYS A 341 -32.94 -18.31 -8.01
N GLY A 342 -32.13 -19.36 -8.08
CA GLY A 342 -32.30 -20.33 -9.15
C GLY A 342 -31.38 -20.02 -10.32
N TYR A 343 -31.05 -18.75 -10.51
CA TYR A 343 -30.15 -18.34 -11.57
C TYR A 343 -28.78 -18.22 -10.90
N GLY A 344 -27.79 -18.93 -11.43
CA GLY A 344 -26.47 -18.90 -10.81
C GLY A 344 -26.57 -19.51 -9.42
N PRO A 345 -27.04 -20.76 -9.34
CA PRO A 345 -27.20 -21.48 -8.06
C PRO A 345 -25.95 -21.68 -7.20
N GLU A 346 -24.77 -21.42 -7.74
CA GLU A 346 -23.54 -21.59 -6.95
C GLU A 346 -23.37 -20.45 -5.97
N MET A 347 -24.20 -19.42 -6.10
CA MET A 347 -24.10 -18.27 -5.22
C MET A 347 -25.44 -17.82 -4.67
N VAL A 348 -25.38 -17.19 -3.51
CA VAL A 348 -26.55 -16.61 -2.89
C VAL A 348 -26.31 -15.10 -2.95
N THR A 349 -27.24 -14.38 -3.55
CA THR A 349 -27.15 -12.92 -3.58
C THR A 349 -28.51 -12.45 -3.13
N GLY A 350 -28.55 -11.67 -2.06
CA GLY A 350 -29.83 -11.19 -1.56
C GLY A 350 -29.76 -10.02 -0.59
N LEU A 351 -30.93 -9.49 -0.29
CA LEU A 351 -31.09 -8.36 0.62
C LEU A 351 -31.36 -8.87 2.04
N ALA A 352 -30.70 -8.27 3.03
CA ALA A 352 -30.88 -8.67 4.42
C ALA A 352 -30.75 -7.44 5.32
N LYS A 353 -30.95 -7.64 6.63
CA LYS A 353 -30.87 -6.52 7.56
C LYS A 353 -29.94 -6.77 8.75
N VAL A 354 -29.33 -5.70 9.23
CA VAL A 354 -28.44 -5.74 10.37
C VAL A 354 -28.90 -4.60 11.29
N ASN A 355 -29.54 -4.96 12.40
CA ASN A 355 -30.05 -3.97 13.34
C ASN A 355 -30.98 -3.01 12.59
N GLY A 356 -31.76 -3.57 11.67
CA GLY A 356 -32.70 -2.78 10.90
C GLY A 356 -32.16 -2.13 9.65
N LEU A 357 -30.84 -2.15 9.49
CA LEU A 357 -30.18 -1.53 8.35
C LEU A 357 -30.08 -2.48 7.17
N LEU A 358 -30.44 -1.97 6.00
CA LEU A 358 -30.44 -2.77 4.77
C LEU A 358 -29.05 -2.97 4.18
N VAL A 359 -28.73 -4.23 3.83
CA VAL A 359 -27.45 -4.54 3.22
C VAL A 359 -27.61 -5.66 2.22
N GLY A 360 -26.63 -5.77 1.32
CA GLY A 360 -26.64 -6.82 0.33
C GLY A 360 -25.77 -7.94 0.89
N VAL A 361 -26.09 -9.18 0.53
CA VAL A 361 -25.32 -10.32 1.01
C VAL A 361 -24.93 -11.25 -0.13
N VAL A 362 -23.66 -11.65 -0.17
CA VAL A 362 -23.16 -12.53 -1.22
C VAL A 362 -22.40 -13.69 -0.58
N ALA A 363 -22.88 -14.91 -0.79
CA ALA A 363 -22.24 -16.09 -0.19
C ALA A 363 -22.25 -17.32 -1.09
N ASN A 364 -21.22 -18.14 -0.97
CA ASN A 364 -21.13 -19.36 -1.76
C ASN A 364 -22.13 -20.39 -1.27
N VAL A 365 -22.65 -21.17 -2.20
CA VAL A 365 -23.58 -22.25 -1.88
C VAL A 365 -22.73 -23.52 -1.98
N GLN A 366 -22.86 -24.41 -1.01
CA GLN A 366 -22.08 -25.65 -1.01
C GLN A 366 -22.95 -26.81 -1.47
N GLY A 367 -22.31 -27.91 -1.87
CA GLY A 367 -23.07 -29.07 -2.31
C GLY A 367 -23.11 -29.22 -3.82
N LEU A 368 -23.75 -30.30 -4.27
CA LEU A 368 -23.86 -30.58 -5.69
C LEU A 368 -24.90 -29.73 -6.37
N LEU A 369 -24.62 -29.33 -7.60
CA LEU A 369 -25.54 -28.51 -8.38
C LEU A 369 -25.93 -29.34 -9.60
N MET A 370 -27.10 -29.98 -9.51
CA MET A 370 -27.57 -30.85 -10.58
C MET A 370 -27.78 -30.15 -11.93
N ASN A 371 -27.50 -30.88 -13.00
CA ASN A 371 -27.62 -30.39 -14.36
C ASN A 371 -27.12 -28.96 -14.50
N TYR A 372 -25.84 -28.77 -14.18
CA TYR A 372 -25.23 -27.45 -14.19
C TYR A 372 -23.73 -27.65 -14.39
N PRO A 373 -23.04 -26.67 -15.00
CA PRO A 373 -23.54 -25.39 -15.52
C PRO A 373 -24.17 -25.59 -16.89
N GLU A 374 -24.87 -24.58 -17.39
CA GLU A 374 -25.56 -24.68 -18.68
C GLU A 374 -24.64 -24.78 -19.89
N TYR A 375 -23.44 -24.24 -19.79
CA TYR A 375 -22.52 -24.29 -20.92
C TYR A 375 -21.79 -25.61 -21.10
N LYS A 376 -22.14 -26.60 -20.27
CA LYS A 376 -21.55 -27.93 -20.40
C LYS A 376 -22.68 -28.87 -20.80
N ALA A 377 -22.33 -30.02 -21.36
CA ALA A 377 -23.31 -31.00 -21.80
C ALA A 377 -24.31 -31.35 -20.71
N ALA A 378 -25.53 -31.67 -21.14
CA ALA A 378 -26.59 -32.04 -20.21
C ALA A 378 -26.07 -33.15 -19.32
N GLY A 379 -26.58 -33.24 -18.09
CA GLY A 379 -26.12 -34.27 -17.19
C GLY A 379 -24.93 -33.85 -16.37
N SER A 380 -24.27 -32.76 -16.75
CA SER A 380 -23.13 -32.27 -15.99
C SER A 380 -23.60 -31.86 -14.61
N VAL A 381 -22.72 -31.97 -13.62
CA VAL A 381 -23.05 -31.61 -12.25
C VAL A 381 -22.08 -30.56 -11.72
N GLY A 382 -22.63 -29.46 -11.21
CA GLY A 382 -21.80 -28.39 -10.69
C GLY A 382 -21.36 -28.61 -9.24
N ILE A 383 -20.28 -27.93 -8.85
CA ILE A 383 -19.75 -28.06 -7.49
C ILE A 383 -19.92 -26.78 -6.67
N GLY A 384 -20.62 -26.89 -5.54
CA GLY A 384 -20.80 -25.75 -4.68
C GLY A 384 -19.44 -25.26 -4.22
N GLY A 385 -19.20 -23.96 -4.29
CA GLY A 385 -17.91 -23.43 -3.89
C GLY A 385 -17.15 -22.94 -5.11
N LYS A 386 -17.57 -23.39 -6.29
CA LYS A 386 -16.95 -22.97 -7.54
C LYS A 386 -17.81 -21.85 -8.13
N LEU A 387 -17.21 -21.05 -9.00
CA LEU A 387 -17.93 -19.97 -9.64
C LEU A 387 -18.09 -20.34 -11.10
N TYR A 388 -19.28 -20.12 -11.63
CA TYR A 388 -19.53 -20.40 -13.04
C TYR A 388 -20.04 -19.12 -13.70
N ARG A 389 -20.58 -19.24 -14.91
CA ARG A 389 -21.05 -18.07 -15.64
C ARG A 389 -22.23 -17.34 -14.99
N GLN A 390 -23.32 -18.05 -14.74
CA GLN A 390 -24.50 -17.42 -14.15
C GLN A 390 -24.21 -16.79 -12.80
N GLY A 391 -23.39 -17.45 -11.98
CA GLY A 391 -23.06 -16.91 -10.68
C GLY A 391 -22.29 -15.60 -10.82
N LEU A 392 -21.35 -15.56 -11.77
CA LEU A 392 -20.57 -14.36 -12.00
C LEU A 392 -21.43 -13.23 -12.56
N VAL A 393 -22.33 -13.55 -13.48
CA VAL A 393 -23.21 -12.53 -14.06
C VAL A 393 -24.13 -11.99 -12.97
N LYS A 394 -24.76 -12.89 -12.21
CA LYS A 394 -25.66 -12.47 -11.14
C LYS A 394 -24.97 -11.53 -10.15
N MET A 395 -23.73 -11.87 -9.77
CA MET A 395 -23.01 -11.02 -8.83
C MET A 395 -22.65 -9.67 -9.43
N ASN A 396 -22.30 -9.66 -10.72
CA ASN A 396 -21.98 -8.41 -11.39
C ASN A 396 -23.19 -7.49 -11.32
N GLU A 397 -24.36 -8.04 -11.66
CA GLU A 397 -25.60 -7.28 -11.64
C GLU A 397 -25.97 -6.84 -10.22
N PHE A 398 -25.81 -7.76 -9.26
CA PHE A 398 -26.14 -7.50 -7.87
C PHE A 398 -25.29 -6.35 -7.29
N VAL A 399 -23.97 -6.42 -7.50
CA VAL A 399 -23.09 -5.38 -6.99
C VAL A 399 -23.47 -4.04 -7.61
N THR A 400 -23.69 -4.05 -8.92
CA THR A 400 -24.04 -2.83 -9.63
C THR A 400 -25.34 -2.22 -9.10
N LEU A 401 -26.32 -3.07 -8.78
CA LEU A 401 -27.59 -2.57 -8.25
C LEU A 401 -27.40 -2.06 -6.81
N CYS A 402 -26.65 -2.80 -5.99
CA CYS A 402 -26.39 -2.36 -4.62
C CYS A 402 -25.68 -1.00 -4.66
N ALA A 403 -24.75 -0.85 -5.61
CA ALA A 403 -23.99 0.40 -5.74
C ALA A 403 -24.94 1.55 -6.04
N ARG A 404 -25.88 1.35 -6.97
CA ARG A 404 -26.83 2.38 -7.31
C ARG A 404 -27.69 2.76 -6.10
N ASP A 405 -28.11 1.76 -5.34
CA ASP A 405 -28.95 1.96 -4.16
C ASP A 405 -28.16 2.34 -2.90
N ARG A 406 -26.85 2.53 -3.03
CA ARG A 406 -25.97 2.89 -1.91
C ARG A 406 -26.06 1.91 -0.75
N LEU A 407 -26.11 0.62 -1.06
CA LEU A 407 -26.19 -0.39 -0.02
C LEU A 407 -24.85 -1.04 0.24
N PRO A 408 -24.49 -1.21 1.51
CA PRO A 408 -23.20 -1.85 1.80
C PRO A 408 -23.35 -3.32 1.43
N ILE A 409 -22.24 -4.03 1.24
CA ILE A 409 -22.31 -5.45 0.91
C ILE A 409 -21.43 -6.28 1.82
N VAL A 410 -21.97 -7.39 2.29
CA VAL A 410 -21.23 -8.30 3.14
C VAL A 410 -20.98 -9.56 2.32
N TRP A 411 -19.71 -9.88 2.09
CA TRP A 411 -19.33 -11.06 1.31
C TRP A 411 -18.91 -12.18 2.25
N ILE A 412 -19.47 -13.37 2.03
CA ILE A 412 -19.12 -14.53 2.83
C ILE A 412 -18.49 -15.55 1.89
N GLN A 413 -17.17 -15.72 2.03
CA GLN A 413 -16.42 -16.63 1.18
C GLN A 413 -16.18 -18.04 1.74
N ASP A 414 -16.26 -18.99 0.82
CA ASP A 414 -15.98 -20.41 1.06
C ASP A 414 -15.97 -20.91 -0.38
N THR A 415 -14.84 -20.73 -1.04
CA THR A 415 -14.74 -21.07 -2.43
C THR A 415 -13.49 -21.87 -2.79
N THR A 416 -13.65 -22.74 -3.78
CA THR A 416 -12.59 -23.60 -4.28
C THR A 416 -12.11 -23.09 -5.64
N GLY A 417 -12.57 -21.90 -6.03
CA GLY A 417 -12.15 -21.33 -7.29
C GLY A 417 -13.20 -21.13 -8.36
N ILE A 418 -12.72 -20.80 -9.55
CA ILE A 418 -13.57 -20.57 -10.70
C ILE A 418 -13.44 -21.77 -11.63
N ASP A 419 -14.54 -22.15 -12.29
CA ASP A 419 -14.52 -23.29 -13.21
C ASP A 419 -13.42 -23.07 -14.23
N VAL A 420 -12.73 -24.15 -14.62
CA VAL A 420 -11.65 -24.07 -15.59
C VAL A 420 -11.90 -24.97 -16.80
N GLY A 421 -11.07 -24.83 -17.83
CA GLY A 421 -11.24 -25.62 -19.03
C GLY A 421 -11.76 -24.72 -20.14
N ASN A 422 -11.69 -25.18 -21.39
CA ASN A 422 -12.16 -24.36 -22.48
C ASN A 422 -13.66 -24.13 -22.54
N ASP A 423 -14.45 -24.95 -21.86
CA ASP A 423 -15.88 -24.72 -21.85
C ASP A 423 -16.04 -23.44 -21.02
N ALA A 424 -15.36 -23.41 -19.88
CA ALA A 424 -15.39 -22.26 -18.99
C ALA A 424 -14.84 -21.02 -19.71
N GLU A 425 -13.72 -21.19 -20.40
CA GLU A 425 -13.13 -20.06 -21.11
C GLU A 425 -14.09 -19.50 -22.15
N LYS A 426 -14.75 -20.37 -22.90
CA LYS A 426 -15.69 -19.93 -23.91
C LYS A 426 -16.91 -19.30 -23.26
N ALA A 427 -17.20 -19.70 -22.02
CA ALA A 427 -18.33 -19.15 -21.30
C ALA A 427 -17.96 -17.79 -20.68
N GLU A 428 -16.78 -17.29 -21.04
CA GLU A 428 -16.27 -15.99 -20.59
C GLU A 428 -15.96 -15.83 -19.10
N LEU A 429 -15.67 -16.91 -18.38
CA LEU A 429 -15.41 -16.77 -16.96
C LEU A 429 -14.23 -15.84 -16.62
N LEU A 430 -13.24 -15.75 -17.52
CA LEU A 430 -12.10 -14.87 -17.28
C LEU A 430 -12.60 -13.43 -17.38
N GLY A 431 -13.35 -13.15 -18.43
CA GLY A 431 -13.89 -11.81 -18.63
C GLY A 431 -14.89 -11.46 -17.55
N LEU A 432 -15.71 -12.42 -17.16
CA LEU A 432 -16.70 -12.17 -16.14
C LEU A 432 -16.09 -11.99 -14.76
N GLY A 433 -14.99 -12.69 -14.50
CA GLY A 433 -14.34 -12.57 -13.21
C GLY A 433 -13.77 -11.17 -13.04
N GLN A 434 -13.12 -10.66 -14.08
CA GLN A 434 -12.55 -9.32 -14.05
C GLN A 434 -13.67 -8.29 -14.08
N SER A 435 -14.77 -8.62 -14.77
CA SER A 435 -15.91 -7.70 -14.83
C SER A 435 -16.41 -7.45 -13.40
N LEU A 436 -16.41 -8.50 -12.58
CA LEU A 436 -16.87 -8.39 -11.21
C LEU A 436 -15.91 -7.49 -10.44
N ILE A 437 -14.62 -7.65 -10.71
CA ILE A 437 -13.62 -6.83 -10.05
C ILE A 437 -13.87 -5.37 -10.46
N TYR A 438 -14.22 -5.17 -11.72
CA TYR A 438 -14.51 -3.84 -12.24
C TYR A 438 -15.75 -3.28 -11.54
N SER A 439 -16.81 -4.10 -11.49
CA SER A 439 -18.07 -3.71 -10.85
C SER A 439 -17.85 -3.26 -9.42
N ILE A 440 -17.03 -4.00 -8.68
CA ILE A 440 -16.72 -3.68 -7.29
C ILE A 440 -15.95 -2.36 -7.21
N GLN A 441 -14.89 -2.25 -8.00
CA GLN A 441 -14.05 -1.06 -8.00
C GLN A 441 -14.78 0.25 -8.31
N THR A 442 -15.85 0.17 -9.09
CA THR A 442 -16.60 1.37 -9.46
C THR A 442 -17.87 1.55 -8.63
N SER A 443 -18.05 0.70 -7.61
CA SER A 443 -19.26 0.74 -6.79
C SER A 443 -19.42 1.90 -5.81
N HIS A 444 -18.32 2.37 -5.24
CA HIS A 444 -18.36 3.47 -4.28
C HIS A 444 -19.20 3.14 -3.04
N ILE A 445 -19.26 1.88 -2.67
CA ILE A 445 -20.00 1.47 -1.48
C ILE A 445 -19.09 0.63 -0.57
N PRO A 446 -19.20 0.85 0.75
CA PRO A 446 -18.38 0.12 1.71
C PRO A 446 -18.75 -1.36 1.72
N GLN A 447 -17.73 -2.22 1.83
CA GLN A 447 -17.97 -3.65 1.81
C GLN A 447 -17.18 -4.39 2.88
N PHE A 448 -17.71 -5.54 3.29
CA PHE A 448 -17.11 -6.36 4.34
C PHE A 448 -16.96 -7.79 3.83
N GLU A 449 -15.82 -8.42 4.08
CA GLU A 449 -15.58 -9.76 3.61
C GLU A 449 -15.23 -10.73 4.73
N ILE A 450 -15.97 -11.83 4.76
CA ILE A 450 -15.79 -12.88 5.76
C ILE A 450 -15.36 -14.16 5.04
N THR A 451 -14.11 -14.57 5.28
CA THR A 451 -13.63 -15.80 4.68
C THR A 451 -14.02 -16.87 5.68
N LEU A 452 -15.24 -17.38 5.52
CA LEU A 452 -15.79 -18.40 6.42
C LEU A 452 -14.90 -19.64 6.45
N ARG A 453 -14.58 -20.16 5.28
CA ARG A 453 -13.72 -21.33 5.21
C ARG A 453 -12.62 -21.12 4.17
N LYS A 454 -12.84 -21.65 2.96
CA LYS A 454 -11.84 -21.52 1.91
C LYS A 454 -11.83 -20.22 1.15
N GLY A 455 -10.61 -19.73 0.94
CA GLY A 455 -10.38 -18.52 0.18
C GLY A 455 -9.26 -18.97 -0.73
N THR A 456 -9.59 -19.33 -1.98
CA THR A 456 -8.59 -19.82 -2.90
C THR A 456 -8.70 -19.32 -4.34
N ALA A 457 -7.58 -19.37 -5.05
CA ALA A 457 -7.49 -18.96 -6.44
C ALA A 457 -8.06 -17.54 -6.65
N ALA A 458 -8.48 -17.26 -7.88
CA ALA A 458 -9.00 -15.94 -8.23
C ALA A 458 -10.37 -15.64 -7.61
N ALA A 459 -11.09 -16.69 -7.24
CA ALA A 459 -12.41 -16.51 -6.63
C ALA A 459 -12.28 -15.69 -5.34
N HIS A 460 -11.17 -15.86 -4.65
CA HIS A 460 -10.93 -15.13 -3.41
C HIS A 460 -10.84 -13.63 -3.70
N TYR A 461 -10.31 -13.30 -4.88
CA TYR A 461 -10.17 -11.89 -5.30
C TYR A 461 -11.51 -11.28 -5.68
N VAL A 462 -12.22 -11.94 -6.60
CA VAL A 462 -13.49 -11.45 -7.11
C VAL A 462 -14.65 -11.42 -6.14
N LEU A 463 -14.64 -12.28 -5.14
CA LEU A 463 -15.73 -12.32 -4.17
C LEU A 463 -15.54 -11.26 -3.08
N GLY A 464 -15.45 -10.00 -3.51
CA GLY A 464 -15.27 -8.91 -2.57
C GLY A 464 -14.01 -9.10 -1.74
N GLY A 465 -12.97 -9.64 -2.37
CA GLY A 465 -11.72 -9.87 -1.67
C GLY A 465 -11.09 -8.61 -1.10
N PRO A 466 -10.16 -8.75 -0.14
CA PRO A 466 -9.46 -7.64 0.50
C PRO A 466 -8.61 -6.89 -0.50
N GLN A 467 -8.40 -7.51 -1.66
CA GLN A 467 -7.60 -6.92 -2.73
C GLN A 467 -8.24 -5.64 -3.27
N GLY A 468 -9.52 -5.44 -2.96
CA GLY A 468 -10.20 -4.24 -3.39
C GLY A 468 -10.05 -3.26 -2.24
N ASN A 469 -8.86 -2.66 -2.15
CA ASN A 469 -8.52 -1.73 -1.07
C ASN A 469 -9.44 -0.54 -0.84
N ASP A 470 -10.09 -0.04 -1.89
CA ASP A 470 -10.96 1.13 -1.72
C ASP A 470 -12.31 0.79 -1.11
N THR A 471 -12.88 -0.34 -1.52
CA THR A 471 -14.20 -0.75 -1.06
C THR A 471 -14.23 -1.69 0.17
N ASN A 472 -13.25 -2.58 0.30
CA ASN A 472 -13.25 -3.47 1.45
C ASN A 472 -12.71 -2.77 2.72
N ALA A 473 -13.60 -2.52 3.67
CA ALA A 473 -13.22 -1.85 4.92
C ALA A 473 -12.23 -2.69 5.71
N PHE A 474 -12.42 -4.01 5.63
CA PHE A 474 -11.54 -4.97 6.31
C PHE A 474 -12.15 -6.37 6.15
N SER A 475 -11.39 -7.40 6.52
CA SER A 475 -11.89 -8.76 6.41
C SER A 475 -11.58 -9.59 7.65
N ILE A 476 -12.43 -10.58 7.92
CA ILE A 476 -12.19 -11.46 9.05
C ILE A 476 -12.27 -12.89 8.57
N GLY A 477 -11.82 -13.80 9.43
CA GLY A 477 -11.88 -15.21 9.13
C GLY A 477 -12.37 -15.91 10.38
N THR A 478 -12.40 -17.24 10.36
CA THR A 478 -12.86 -17.98 11.52
C THR A 478 -11.92 -19.14 11.78
N ALA A 479 -12.30 -20.00 12.72
CA ALA A 479 -11.50 -21.16 13.06
C ALA A 479 -11.49 -22.14 11.89
N ALA A 480 -12.50 -22.03 11.03
CA ALA A 480 -12.64 -22.91 9.85
C ALA A 480 -11.95 -22.34 8.61
N THR A 481 -11.32 -21.18 8.76
CA THR A 481 -10.64 -20.53 7.65
C THR A 481 -9.37 -21.19 7.17
N GLU A 482 -9.13 -21.09 5.86
CA GLU A 482 -7.92 -21.59 5.24
C GLU A 482 -7.78 -20.89 3.88
N ILE A 483 -6.66 -20.20 3.70
CA ILE A 483 -6.40 -19.43 2.47
C ILE A 483 -5.10 -19.82 1.79
N ALA A 484 -5.19 -20.09 0.48
CA ALA A 484 -4.03 -20.47 -0.34
C ALA A 484 -4.31 -20.24 -1.83
N VAL A 485 -3.25 -20.15 -2.63
CA VAL A 485 -3.38 -19.93 -4.06
C VAL A 485 -4.27 -21.01 -4.69
N MET A 486 -4.11 -22.24 -4.22
CA MET A 486 -4.89 -23.38 -4.70
C MET A 486 -4.57 -24.55 -3.78
N ASN A 487 -5.25 -25.67 -4.01
CA ASN A 487 -5.02 -26.86 -3.20
C ASN A 487 -3.56 -27.26 -3.34
N GLY A 488 -2.93 -27.59 -2.23
CA GLY A 488 -1.53 -27.97 -2.26
C GLY A 488 -1.23 -29.12 -3.21
N GLU A 489 -2.08 -30.14 -3.19
CA GLU A 489 -1.88 -31.29 -4.06
C GLU A 489 -2.04 -30.85 -5.51
N THR A 490 -3.05 -30.03 -5.78
CA THR A 490 -3.27 -29.54 -7.13
C THR A 490 -2.01 -28.81 -7.60
N ALA A 491 -1.44 -27.99 -6.72
CA ALA A 491 -0.24 -27.23 -7.05
C ALA A 491 0.96 -28.17 -7.21
N ALA A 492 1.07 -29.12 -6.30
CA ALA A 492 2.16 -30.09 -6.34
C ALA A 492 2.19 -30.84 -7.69
N THR A 493 1.04 -31.39 -8.09
CA THR A 493 0.98 -32.13 -9.34
C THR A 493 1.19 -31.23 -10.54
N ALA A 494 0.69 -29.99 -10.47
CA ALA A 494 0.87 -29.06 -11.58
C ALA A 494 2.34 -28.69 -11.71
N MET A 495 3.04 -28.62 -10.57
CA MET A 495 4.44 -28.27 -10.59
C MET A 495 5.38 -29.40 -10.97
N TYR A 496 5.02 -30.64 -10.62
CA TYR A 496 5.90 -31.76 -10.92
C TYR A 496 5.41 -32.82 -11.89
N SER A 497 4.16 -32.74 -12.33
CA SER A 497 3.63 -33.75 -13.25
C SER A 497 4.57 -33.98 -14.42
N ARG A 498 5.09 -32.89 -14.99
CA ARG A 498 6.00 -32.97 -16.11
C ARG A 498 7.24 -33.81 -15.77
N ARG A 499 7.81 -33.57 -14.59
CA ARG A 499 8.98 -34.33 -14.18
C ARG A 499 8.67 -35.81 -13.92
N LEU A 500 7.48 -36.08 -13.37
CA LEU A 500 7.08 -37.46 -13.09
C LEU A 500 7.05 -38.27 -14.39
N ALA A 501 6.47 -37.71 -15.44
CA ALA A 501 6.39 -38.38 -16.73
C ALA A 501 7.77 -38.55 -17.34
N LYS A 502 8.57 -37.48 -17.31
CA LYS A 502 9.92 -37.50 -17.89
C LYS A 502 10.80 -38.54 -17.17
N ASP A 503 10.84 -38.46 -15.85
CA ASP A 503 11.65 -39.39 -15.06
C ASP A 503 11.24 -40.85 -15.27
N ARG A 504 9.94 -41.12 -15.33
CA ARG A 504 9.44 -42.48 -15.52
C ARG A 504 9.86 -43.04 -16.87
N LYS A 505 9.77 -42.21 -17.90
CA LYS A 505 10.16 -42.64 -19.24
C LYS A 505 11.67 -42.84 -19.28
N ALA A 506 12.37 -42.18 -18.35
CA ALA A 506 13.81 -42.29 -18.26
C ALA A 506 14.24 -43.38 -17.29
N GLY A 507 13.25 -44.03 -16.66
CA GLY A 507 13.55 -45.09 -15.72
C GLY A 507 14.10 -44.57 -14.40
N LYS A 508 13.88 -43.29 -14.15
CA LYS A 508 14.37 -42.67 -12.92
C LYS A 508 13.40 -42.79 -11.76
N ASP A 509 13.95 -42.88 -10.55
CA ASP A 509 13.18 -42.99 -9.33
C ASP A 509 12.24 -41.82 -9.19
N LEU A 510 10.98 -42.08 -8.85
CA LEU A 510 9.98 -41.03 -8.70
C LEU A 510 9.79 -40.60 -7.24
N GLN A 511 10.33 -41.37 -6.31
CA GLN A 511 10.18 -41.07 -4.89
C GLN A 511 10.62 -39.66 -4.47
N PRO A 512 11.82 -39.22 -4.91
CA PRO A 512 12.28 -37.87 -4.55
C PRO A 512 11.30 -36.79 -4.98
N THR A 513 10.69 -36.97 -6.16
CA THR A 513 9.72 -35.99 -6.65
C THR A 513 8.45 -36.12 -5.81
N ILE A 514 8.17 -37.32 -5.35
CA ILE A 514 6.99 -37.56 -4.52
C ILE A 514 7.20 -36.89 -3.16
N ASP A 515 8.43 -36.93 -2.64
CA ASP A 515 8.71 -36.31 -1.36
C ASP A 515 8.49 -34.81 -1.45
N LYS A 516 9.04 -34.19 -2.49
CA LYS A 516 8.89 -32.76 -2.70
C LYS A 516 7.42 -32.38 -2.79
N MET A 517 6.65 -33.18 -3.52
CA MET A 517 5.23 -32.91 -3.67
C MET A 517 4.55 -32.92 -2.30
N ASN A 518 4.89 -33.92 -1.48
CA ASN A 518 4.31 -34.01 -0.16
C ASN A 518 4.75 -32.88 0.75
N ASN A 519 6.02 -32.47 0.63
CA ASN A 519 6.52 -31.38 1.44
C ASN A 519 5.77 -30.10 1.08
N LEU A 520 5.57 -29.89 -0.22
CA LEU A 520 4.86 -28.70 -0.70
C LEU A 520 3.45 -28.73 -0.16
N ILE A 521 2.80 -29.89 -0.24
CA ILE A 521 1.44 -30.05 0.25
C ILE A 521 1.41 -29.70 1.74
N GLN A 522 2.42 -30.16 2.47
CA GLN A 522 2.51 -29.90 3.90
C GLN A 522 2.69 -28.41 4.15
N ALA A 523 3.56 -27.78 3.38
CA ALA A 523 3.81 -26.35 3.53
C ALA A 523 2.52 -25.57 3.26
N PHE A 524 1.79 -25.95 2.22
CA PHE A 524 0.54 -25.27 1.87
C PHE A 524 -0.44 -25.35 3.04
N TYR A 525 -0.45 -26.48 3.73
CA TYR A 525 -1.34 -26.68 4.86
C TYR A 525 -0.96 -25.75 6.01
N THR A 526 0.32 -25.76 6.36
CA THR A 526 0.83 -24.94 7.44
C THR A 526 0.63 -23.44 7.22
N LYS A 527 0.97 -22.96 6.02
CA LYS A 527 0.84 -21.54 5.71
C LYS A 527 -0.59 -21.07 5.38
N SER A 528 -1.58 -21.96 5.49
CA SER A 528 -2.94 -21.57 5.19
C SER A 528 -3.84 -21.61 6.42
N ARG A 529 -3.29 -22.00 7.56
CA ARG A 529 -4.06 -22.07 8.80
C ARG A 529 -4.50 -20.67 9.25
N PRO A 530 -5.58 -20.59 10.04
CA PRO A 530 -6.11 -19.31 10.54
C PRO A 530 -5.02 -18.48 11.20
N LYS A 531 -4.22 -19.16 12.01
CA LYS A 531 -3.10 -18.55 12.74
C LYS A 531 -2.22 -17.74 11.79
N VAL A 532 -1.76 -18.38 10.73
CA VAL A 532 -0.91 -17.72 9.76
C VAL A 532 -1.68 -16.65 8.98
N CYS A 533 -2.96 -16.89 8.73
CA CYS A 533 -3.77 -15.92 8.00
C CYS A 533 -3.78 -14.60 8.79
N ALA A 534 -3.94 -14.69 10.11
CA ALA A 534 -3.96 -13.49 10.95
C ALA A 534 -2.60 -12.83 10.99
N GLU A 535 -1.56 -13.64 11.19
CA GLU A 535 -0.19 -13.14 11.27
C GLU A 535 0.29 -12.37 10.03
N LEU A 536 -0.08 -12.86 8.85
CA LEU A 536 0.33 -12.21 7.61
C LEU A 536 -0.67 -11.11 7.22
N GLY A 537 -1.87 -11.19 7.80
CA GLY A 537 -2.89 -10.20 7.49
C GLY A 537 -3.83 -10.64 6.39
N LEU A 538 -3.83 -11.93 6.05
CA LEU A 538 -4.72 -12.45 5.01
C LEU A 538 -6.16 -12.14 5.39
N VAL A 539 -6.39 -12.02 6.70
CA VAL A 539 -7.68 -11.62 7.24
C VAL A 539 -7.20 -10.63 8.31
N ASP A 540 -8.00 -9.64 8.63
CA ASP A 540 -7.57 -8.68 9.64
C ASP A 540 -7.80 -9.26 11.03
N GLU A 541 -8.65 -10.28 11.11
CA GLU A 541 -8.95 -10.94 12.38
C GLU A 541 -9.65 -12.28 12.25
N ILE A 542 -9.22 -13.25 13.06
CA ILE A 542 -9.89 -14.54 13.10
C ILE A 542 -10.89 -14.30 14.22
N VAL A 543 -12.17 -14.47 13.91
CA VAL A 543 -13.23 -14.22 14.88
C VAL A 543 -13.95 -15.48 15.36
N ASP A 544 -14.29 -15.52 16.65
CA ASP A 544 -15.01 -16.68 17.20
C ASP A 544 -16.36 -16.79 16.51
N MET A 545 -16.77 -18.03 16.26
CA MET A 545 -18.03 -18.33 15.59
C MET A 545 -19.21 -17.52 16.12
N ASN A 546 -19.25 -17.29 17.43
CA ASN A 546 -20.35 -16.54 18.00
C ASN A 546 -20.05 -15.05 18.17
N LYS A 547 -18.97 -14.58 17.56
CA LYS A 547 -18.60 -13.17 17.63
C LYS A 547 -18.72 -12.52 16.26
N ILE A 548 -19.02 -13.34 15.25
CA ILE A 548 -19.14 -12.86 13.88
C ILE A 548 -20.22 -11.80 13.72
N ARG A 549 -21.43 -12.05 14.22
CA ARG A 549 -22.47 -11.05 14.05
C ARG A 549 -22.09 -9.71 14.65
N GLY A 550 -21.24 -9.73 15.68
CA GLY A 550 -20.82 -8.50 16.29
C GLY A 550 -20.09 -7.63 15.28
N TYR A 551 -19.28 -8.26 14.45
CA TYR A 551 -18.53 -7.55 13.42
C TYR A 551 -19.44 -7.08 12.29
N VAL A 552 -20.40 -7.92 11.90
CA VAL A 552 -21.34 -7.55 10.85
C VAL A 552 -22.10 -6.30 11.32
N GLU A 553 -22.43 -6.29 12.61
CA GLU A 553 -23.14 -5.16 13.20
C GLU A 553 -22.31 -3.88 13.18
N ALA A 554 -21.06 -4.00 13.66
CA ALA A 554 -20.15 -2.87 13.71
C ALA A 554 -19.93 -2.30 12.32
N PHE A 555 -19.67 -3.18 11.35
CA PHE A 555 -19.46 -2.74 9.98
C PHE A 555 -20.65 -1.98 9.41
N THR A 556 -21.83 -2.58 9.50
CA THR A 556 -23.03 -1.97 8.96
C THR A 556 -23.40 -0.64 9.62
N GLU A 557 -23.37 -0.59 10.95
CA GLU A 557 -23.71 0.65 11.64
C GLU A 557 -22.71 1.73 11.31
N ALA A 558 -21.46 1.33 11.12
CA ALA A 558 -20.40 2.26 10.77
C ALA A 558 -20.66 2.76 9.34
N ALA A 559 -20.98 1.83 8.45
CA ALA A 559 -21.27 2.16 7.05
C ALA A 559 -22.38 3.19 6.92
N TYR A 560 -23.38 3.10 7.80
CA TYR A 560 -24.51 4.01 7.78
C TYR A 560 -24.41 5.17 8.77
N GLN A 561 -23.26 5.31 9.43
CA GLN A 561 -23.09 6.37 10.43
C GLN A 561 -23.06 7.80 9.86
N ASN A 562 -22.40 7.97 8.72
CA ASN A 562 -22.31 9.29 8.09
C ASN A 562 -21.99 9.11 6.60
N PRO A 563 -22.91 8.49 5.85
CA PRO A 563 -22.71 8.26 4.41
C PRO A 563 -22.50 9.51 3.59
N GLU A 564 -21.68 9.38 2.55
CA GLU A 564 -21.37 10.47 1.63
C GLU A 564 -22.46 10.58 0.58
N SER A 565 -23.18 9.47 0.38
CA SER A 565 -24.22 9.43 -0.66
C SER A 565 -25.48 8.71 -0.16
N ILE A 566 -26.62 9.11 -0.71
CA ILE A 566 -27.90 8.53 -0.31
C ILE A 566 -28.82 8.20 -1.47
N CYS A 567 -29.54 7.08 -1.35
CA CYS A 567 -30.56 6.72 -2.32
C CYS A 567 -31.81 6.46 -1.50
N PRO A 568 -32.82 7.34 -1.61
CA PRO A 568 -34.07 7.18 -0.87
C PRO A 568 -34.64 5.78 -1.10
N PHE A 569 -35.14 5.14 -0.05
CA PHE A 569 -35.69 3.79 -0.16
C PHE A 569 -36.69 3.64 -1.30
N HIS A 570 -37.61 4.59 -1.42
CA HIS A 570 -38.62 4.53 -2.47
C HIS A 570 -38.03 4.73 -3.87
N GLN A 571 -36.73 5.01 -3.92
CA GLN A 571 -36.06 5.20 -5.21
C GLN A 571 -35.04 4.10 -5.49
N MET A 572 -35.04 3.06 -4.67
CA MET A 572 -34.12 1.94 -4.85
C MET A 572 -34.64 0.98 -5.92
N ILE A 573 -33.74 0.46 -6.74
CA ILE A 573 -34.14 -0.46 -7.80
C ILE A 573 -33.97 -1.94 -7.42
N LEU A 574 -32.95 -2.26 -6.64
CA LEU A 574 -32.74 -3.66 -6.27
C LEU A 574 -33.97 -4.35 -5.69
N PRO A 575 -34.66 -3.72 -4.73
CA PRO A 575 -35.85 -4.36 -4.17
C PRO A 575 -36.89 -4.69 -5.24
N ARG A 576 -37.04 -3.78 -6.20
CA ARG A 576 -38.00 -3.97 -7.26
C ARG A 576 -37.54 -5.01 -8.29
N ALA A 577 -36.24 -5.03 -8.57
CA ALA A 577 -35.70 -6.00 -9.52
C ALA A 577 -35.91 -7.40 -8.95
N ILE A 578 -35.77 -7.54 -7.64
CA ILE A 578 -35.97 -8.82 -6.98
C ILE A 578 -37.40 -9.32 -7.19
N ARG A 579 -38.36 -8.43 -6.91
CA ARG A 579 -39.77 -8.75 -7.07
C ARG A 579 -40.07 -9.13 -8.52
N GLU A 580 -39.57 -8.30 -9.43
CA GLU A 580 -39.76 -8.46 -10.86
C GLU A 580 -39.29 -9.81 -11.40
N PHE A 581 -38.11 -10.26 -10.98
CA PHE A 581 -37.59 -11.54 -11.45
C PHE A 581 -38.45 -12.68 -10.92
N GLU A 582 -39.07 -12.48 -9.75
CA GLU A 582 -39.91 -13.49 -9.16
C GLU A 582 -41.23 -13.68 -9.89
N THR A 583 -41.87 -12.59 -10.27
CA THR A 583 -43.17 -12.65 -10.94
C THR A 583 -43.19 -12.75 -12.45
N PHE A 584 -42.24 -12.12 -13.12
CA PHE A 584 -42.25 -12.15 -14.59
C PHE A 584 -41.96 -13.50 -15.23
N VAL A 585 -42.83 -13.89 -16.17
CA VAL A 585 -42.68 -15.13 -16.91
C VAL A 585 -42.63 -14.77 -18.39
N LYS A 586 -41.53 -15.12 -19.06
CA LYS A 586 -41.39 -14.83 -20.49
C LYS A 586 -42.36 -15.68 -21.28
N LYS A 587 -43.50 -15.11 -21.65
CA LYS A 587 -44.49 -15.85 -22.41
C LYS A 587 -44.70 -15.21 -23.78
N GLY B 2 9.25 30.74 -30.83
CA GLY B 2 7.91 30.19 -30.90
C GLY B 2 6.88 31.17 -30.38
N PHE B 3 5.61 30.76 -30.40
CA PHE B 3 4.53 31.62 -29.93
C PHE B 3 4.03 31.11 -28.59
N TYR B 4 4.41 31.83 -27.53
CA TYR B 4 4.03 31.45 -26.18
C TYR B 4 3.41 32.62 -25.40
N SER B 5 2.71 32.28 -24.33
CA SER B 5 2.05 33.27 -23.50
C SER B 5 3.06 34.00 -22.61
N MET B 6 2.76 35.26 -22.32
CA MET B 6 3.57 36.09 -21.45
C MET B 6 5.09 35.93 -21.48
N PRO B 7 5.71 36.25 -22.62
CA PRO B 7 7.17 36.13 -22.76
C PRO B 7 7.93 36.85 -21.63
N ARG B 8 7.43 38.00 -21.20
CA ARG B 8 8.13 38.75 -20.14
C ARG B 8 8.22 37.99 -18.80
N TYR B 9 7.29 37.08 -18.57
CA TYR B 9 7.32 36.30 -17.33
C TYR B 9 8.06 34.98 -17.47
N PHE B 10 7.91 34.32 -18.61
CA PHE B 10 8.49 33.00 -18.82
C PHE B 10 9.73 32.84 -19.67
N GLN B 11 10.08 33.85 -20.47
CA GLN B 11 11.27 33.74 -21.30
C GLN B 11 12.39 34.60 -20.74
N ASN B 12 13.62 34.10 -20.87
CA ASN B 12 14.79 34.81 -20.38
C ASN B 12 14.72 35.06 -18.89
N MET B 13 14.39 34.01 -18.13
CA MET B 13 14.32 34.14 -16.69
C MET B 13 15.76 34.24 -16.20
N PRO B 14 15.98 34.71 -14.97
CA PRO B 14 17.35 34.82 -14.46
C PRO B 14 18.06 33.48 -14.54
N GLN B 15 19.38 33.50 -14.72
CA GLN B 15 20.14 32.26 -14.78
C GLN B 15 20.93 32.07 -13.50
N VAL B 16 21.25 30.82 -13.18
CA VAL B 16 21.99 30.52 -11.97
C VAL B 16 23.09 29.52 -12.24
N GLY B 17 23.89 29.23 -11.21
CA GLY B 17 24.98 28.29 -11.37
C GLY B 17 26.25 28.93 -11.88
N LYS B 18 27.36 28.20 -11.78
CA LYS B 18 28.64 28.71 -12.24
C LYS B 18 29.40 27.63 -13.01
N PRO B 19 30.29 28.04 -13.91
CA PRO B 19 31.05 27.05 -14.68
C PRO B 19 32.03 26.32 -13.77
N LEU B 20 32.39 25.10 -14.14
CA LEU B 20 33.33 24.32 -13.33
C LEU B 20 34.76 24.74 -13.64
N LYS B 21 35.42 25.32 -12.64
CA LYS B 21 36.81 25.76 -12.80
C LYS B 21 37.71 24.53 -12.94
N LYS B 22 37.96 23.88 -11.81
CA LYS B 22 38.81 22.69 -11.80
C LYS B 22 38.02 21.46 -11.35
N ALA B 23 38.15 20.38 -12.11
CA ALA B 23 37.46 19.14 -11.79
C ALA B 23 38.03 18.48 -10.53
N ASP B 24 37.16 17.89 -9.74
CA ASP B 24 37.58 17.19 -8.51
C ASP B 24 37.70 15.72 -8.86
N ALA B 25 38.90 15.32 -9.26
CA ALA B 25 39.17 13.95 -9.67
C ALA B 25 38.79 12.89 -8.63
N ALA B 26 39.16 13.12 -7.38
CA ALA B 26 38.86 12.13 -6.33
C ALA B 26 37.35 11.95 -6.14
N ASN B 27 36.63 13.07 -6.07
CA ASN B 27 35.18 13.01 -5.88
C ASN B 27 34.54 12.31 -7.07
N GLU B 28 34.98 12.66 -8.27
CA GLU B 28 34.41 12.06 -9.46
C GLU B 28 34.64 10.56 -9.55
N GLU B 29 35.84 10.11 -9.23
CA GLU B 29 36.09 8.67 -9.32
C GLU B 29 35.30 7.90 -8.29
N GLN B 30 35.16 8.45 -7.09
CA GLN B 30 34.39 7.78 -6.04
C GLN B 30 32.91 7.70 -6.38
N LEU B 31 32.37 8.74 -6.99
CA LEU B 31 30.97 8.74 -7.38
C LEU B 31 30.80 7.69 -8.47
N LYS B 32 31.65 7.74 -9.49
CA LYS B 32 31.58 6.78 -10.58
C LYS B 32 31.78 5.34 -10.11
N LYS B 33 32.58 5.15 -9.07
CA LYS B 33 32.82 3.81 -8.55
C LYS B 33 31.50 3.26 -8.00
N ILE B 34 30.75 4.13 -7.32
CA ILE B 34 29.47 3.75 -6.75
C ILE B 34 28.46 3.46 -7.86
N GLU B 35 28.44 4.31 -8.87
CA GLU B 35 27.53 4.12 -9.99
C GLU B 35 27.85 2.81 -10.71
N GLU B 36 29.14 2.50 -10.83
CA GLU B 36 29.54 1.28 -11.50
C GLU B 36 29.07 0.04 -10.75
N GLU B 37 29.15 0.08 -9.42
CA GLU B 37 28.70 -1.05 -8.63
C GLU B 37 27.20 -1.23 -8.82
N ILE B 38 26.47 -0.11 -8.90
CA ILE B 38 25.02 -0.18 -9.10
C ILE B 38 24.74 -0.83 -10.44
N HIS B 39 25.42 -0.37 -11.49
CA HIS B 39 25.23 -0.92 -12.82
C HIS B 39 25.56 -2.41 -12.87
N GLN B 40 26.56 -2.82 -12.09
CA GLN B 40 26.96 -4.22 -12.07
C GLN B 40 25.89 -5.04 -11.35
N LEU B 41 25.31 -4.47 -10.29
CA LEU B 41 24.26 -5.17 -9.56
C LEU B 41 23.04 -5.33 -10.47
N ILE B 42 22.77 -4.30 -11.26
CA ILE B 42 21.64 -4.31 -12.18
C ILE B 42 21.86 -5.37 -13.26
N LYS B 43 23.06 -5.37 -13.84
CA LYS B 43 23.39 -6.34 -14.87
C LYS B 43 23.19 -7.76 -14.34
N GLU B 44 23.63 -8.00 -13.11
CA GLU B 44 23.51 -9.31 -12.49
C GLU B 44 22.07 -9.76 -12.25
N ALA B 45 21.25 -8.88 -11.69
CA ALA B 45 19.86 -9.21 -11.42
C ALA B 45 19.08 -9.45 -12.71
N GLN B 46 19.34 -8.63 -13.73
CA GLN B 46 18.65 -8.77 -14.99
C GLN B 46 19.04 -10.03 -15.77
N GLU B 47 20.32 -10.39 -15.73
CA GLU B 47 20.78 -11.58 -16.45
C GLU B 47 20.41 -12.88 -15.74
N ALA B 48 20.33 -12.83 -14.41
CA ALA B 48 20.01 -14.01 -13.62
C ALA B 48 18.86 -14.83 -14.18
N GLY B 49 18.97 -16.15 -14.05
CA GLY B 49 17.93 -17.04 -14.53
C GLY B 49 18.32 -17.76 -15.81
N LYS B 50 17.32 -18.15 -16.59
CA LYS B 50 17.53 -18.84 -17.85
C LYS B 50 18.32 -17.91 -18.77
N ALA B 51 19.41 -18.42 -19.34
CA ALA B 51 20.26 -17.63 -20.23
C ALA B 51 19.51 -17.10 -21.44
N ASP B 52 19.91 -15.91 -21.91
CA ASP B 52 19.28 -15.29 -23.07
C ASP B 52 19.37 -16.21 -24.28
N ALA B 53 20.53 -16.82 -24.46
CA ALA B 53 20.76 -17.72 -25.57
C ALA B 53 19.70 -18.81 -25.61
N ASP B 54 19.36 -19.34 -24.44
CA ASP B 54 18.36 -20.39 -24.37
C ASP B 54 16.95 -19.88 -24.62
N VAL B 55 16.68 -18.65 -24.17
CA VAL B 55 15.37 -18.07 -24.39
C VAL B 55 15.22 -17.83 -25.89
N ASN B 56 16.27 -17.30 -26.49
CA ASN B 56 16.28 -17.01 -27.93
C ASN B 56 16.44 -18.23 -28.81
N LYS B 57 16.97 -19.32 -28.27
CA LYS B 57 17.17 -20.52 -29.06
C LYS B 57 15.90 -20.87 -29.80
N ARG B 58 14.77 -20.66 -29.16
CA ARG B 58 13.48 -20.97 -29.76
C ARG B 58 12.63 -19.76 -30.16
N GLY B 59 13.26 -18.82 -30.88
CA GLY B 59 12.56 -17.63 -31.35
C GLY B 59 11.94 -16.70 -30.34
N GLU B 60 12.05 -17.02 -29.05
CA GLU B 60 11.46 -16.18 -28.01
C GLU B 60 12.43 -15.08 -27.59
N LEU B 61 11.89 -13.89 -27.33
CA LEU B 61 12.70 -12.75 -26.90
C LEU B 61 12.60 -12.58 -25.39
N THR B 62 13.60 -11.93 -24.81
CA THR B 62 13.61 -11.67 -23.37
C THR B 62 12.89 -10.32 -23.12
N ALA B 63 12.58 -10.04 -21.86
CA ALA B 63 11.92 -8.80 -21.50
C ALA B 63 12.67 -7.58 -22.03
N LEU B 64 13.96 -7.51 -21.76
CA LEU B 64 14.77 -6.39 -22.21
C LEU B 64 14.82 -6.24 -23.72
N GLN B 65 14.83 -7.37 -24.43
CA GLN B 65 14.86 -7.35 -25.89
C GLN B 65 13.52 -6.82 -26.40
N ARG B 66 12.45 -7.22 -25.73
CA ARG B 66 11.13 -6.77 -26.12
C ARG B 66 11.01 -5.26 -25.91
N ILE B 67 11.47 -4.80 -24.74
CA ILE B 67 11.41 -3.39 -24.42
C ILE B 67 12.22 -2.56 -25.41
N GLU B 68 13.38 -3.07 -25.81
CA GLU B 68 14.24 -2.37 -26.74
C GLU B 68 13.54 -2.19 -28.09
N LYS B 69 12.66 -3.13 -28.43
CA LYS B 69 11.94 -3.05 -29.69
C LYS B 69 10.60 -2.35 -29.52
N LEU B 70 10.19 -2.14 -28.27
CA LEU B 70 8.92 -1.49 -27.98
C LEU B 70 9.03 0.01 -27.82
N VAL B 71 9.99 0.46 -27.01
CA VAL B 71 10.15 1.88 -26.76
C VAL B 71 11.09 2.55 -27.74
N GLU B 72 10.92 3.86 -27.91
CA GLU B 72 11.75 4.63 -28.80
C GLU B 72 13.17 4.67 -28.24
N PRO B 73 14.16 4.32 -29.07
CA PRO B 73 15.57 4.31 -28.65
C PRO B 73 15.94 5.56 -27.87
N GLY B 74 16.59 5.37 -26.73
CA GLY B 74 17.02 6.49 -25.91
C GLY B 74 16.02 7.04 -24.90
N SER B 75 14.78 6.57 -24.94
CA SER B 75 13.76 7.06 -24.02
C SER B 75 13.58 6.22 -22.77
N TRP B 76 14.26 5.07 -22.69
CA TRP B 76 14.12 4.21 -21.53
C TRP B 76 14.67 4.82 -20.24
N ARG B 77 13.82 4.90 -19.22
CA ARG B 77 14.19 5.44 -17.91
C ARG B 77 13.91 4.32 -16.92
N PRO B 78 14.93 3.51 -16.59
CA PRO B 78 14.78 2.38 -15.64
C PRO B 78 14.21 2.76 -14.28
N LEU B 79 13.31 1.92 -13.76
CA LEU B 79 12.72 2.13 -12.45
C LEU B 79 12.66 0.81 -11.68
N ASN B 80 13.05 0.87 -10.42
CA ASN B 80 13.02 -0.30 -9.54
C ASN B 80 13.85 -1.48 -10.03
N THR B 81 14.90 -1.22 -10.80
CA THR B 81 15.73 -2.30 -11.31
C THR B 81 16.27 -3.16 -10.16
N LEU B 82 16.62 -2.52 -9.06
CA LEU B 82 17.17 -3.20 -7.90
C LEU B 82 16.17 -3.49 -6.78
N PHE B 83 14.91 -3.12 -7.00
CA PHE B 83 13.85 -3.36 -6.01
C PHE B 83 13.74 -4.84 -5.67
N ASN B 84 13.94 -5.16 -4.39
CA ASN B 84 13.90 -6.54 -3.90
C ASN B 84 13.68 -6.45 -2.39
N PRO B 85 12.55 -5.87 -1.97
CA PRO B 85 12.19 -5.69 -0.56
C PRO B 85 12.26 -6.92 0.34
N GLN B 86 11.93 -8.09 -0.20
CA GLN B 86 11.97 -9.30 0.61
C GLN B 86 13.23 -10.13 0.39
N GLY B 87 14.22 -9.49 -0.21
CA GLY B 87 15.50 -10.13 -0.45
C GLY B 87 15.56 -11.45 -1.20
N ASN B 88 14.91 -11.53 -2.36
CA ASN B 88 14.98 -12.77 -3.14
C ASN B 88 16.46 -12.94 -3.47
N LYS B 89 16.94 -14.19 -3.47
CA LYS B 89 18.33 -14.46 -3.73
C LYS B 89 18.87 -13.92 -5.07
N ASN B 90 18.06 -13.96 -6.12
CA ASN B 90 18.54 -13.45 -7.41
C ASN B 90 18.51 -11.93 -7.48
N GLY B 91 18.13 -11.29 -6.37
CA GLY B 91 18.10 -9.83 -6.33
C GLY B 91 17.05 -9.18 -7.24
N SER B 92 16.05 -9.96 -7.65
CA SER B 92 15.01 -9.45 -8.54
C SER B 92 13.59 -9.77 -8.10
N VAL B 93 12.62 -9.02 -8.64
CA VAL B 93 11.21 -9.29 -8.36
C VAL B 93 10.57 -9.81 -9.65
N ALA B 94 11.43 -10.22 -10.57
CA ALA B 94 11.03 -10.81 -11.85
C ALA B 94 10.23 -9.94 -12.82
N ILE B 95 10.51 -8.65 -12.82
CA ILE B 95 9.87 -7.74 -13.76
C ILE B 95 10.88 -6.67 -14.14
N VAL B 96 10.76 -6.17 -15.36
CA VAL B 96 11.64 -5.12 -15.84
C VAL B 96 10.72 -3.93 -16.04
N LYS B 97 10.92 -2.89 -15.25
CA LYS B 97 10.07 -1.72 -15.31
C LYS B 97 10.82 -0.44 -15.64
N GLY B 98 10.08 0.54 -16.15
CA GLY B 98 10.67 1.82 -16.47
C GLY B 98 9.68 2.73 -17.16
N LEU B 99 10.13 3.95 -17.41
CA LEU B 99 9.31 4.93 -18.12
C LEU B 99 9.92 4.88 -19.52
N GLY B 100 9.08 4.89 -20.54
CA GLY B 100 9.60 4.86 -21.90
C GLY B 100 8.61 5.45 -22.87
N ARG B 101 9.11 5.93 -24.01
CA ARG B 101 8.23 6.50 -25.01
C ARG B 101 7.75 5.39 -25.94
N VAL B 102 6.44 5.23 -26.02
CA VAL B 102 5.89 4.22 -26.92
C VAL B 102 5.03 4.95 -27.93
N ASN B 103 5.46 4.92 -29.18
CA ASN B 103 4.75 5.58 -30.27
C ASN B 103 4.35 7.01 -29.91
N GLY B 104 5.31 7.78 -29.41
CA GLY B 104 5.04 9.17 -29.06
C GLY B 104 4.49 9.45 -27.69
N LYS B 105 4.20 8.43 -26.90
CA LYS B 105 3.66 8.67 -25.57
C LYS B 105 4.47 8.09 -24.43
N TRP B 106 4.66 8.89 -23.38
CA TRP B 106 5.37 8.40 -22.22
C TRP B 106 4.43 7.40 -21.58
N CYS B 107 4.96 6.24 -21.20
CA CYS B 107 4.16 5.20 -20.58
C CYS B 107 4.95 4.53 -19.48
N VAL B 108 4.24 3.99 -18.49
CA VAL B 108 4.89 3.24 -17.44
C VAL B 108 4.88 1.85 -18.09
N VAL B 109 6.06 1.27 -18.28
CA VAL B 109 6.19 -0.04 -18.92
C VAL B 109 6.62 -1.12 -17.94
N VAL B 110 5.88 -2.22 -17.93
CA VAL B 110 6.15 -3.36 -17.07
C VAL B 110 6.25 -4.63 -17.93
N ALA B 111 7.39 -5.31 -17.88
CA ALA B 111 7.57 -6.51 -18.67
C ALA B 111 7.93 -7.71 -17.80
N SER B 112 7.22 -8.81 -18.00
CA SER B 112 7.47 -10.04 -17.27
C SER B 112 8.87 -10.54 -17.62
N ASP B 113 9.68 -10.84 -16.62
CA ASP B 113 11.03 -11.34 -16.89
C ASP B 113 10.93 -12.85 -17.08
N ASN B 114 10.81 -13.27 -18.35
CA ASN B 114 10.66 -14.68 -18.67
C ASN B 114 11.90 -15.56 -18.47
N LYS B 115 12.98 -14.98 -17.97
CA LYS B 115 14.20 -15.74 -17.70
C LYS B 115 14.10 -16.30 -16.28
N LYS B 116 13.19 -15.74 -15.50
CA LYS B 116 13.00 -16.14 -14.11
C LYS B 116 11.66 -16.86 -13.87
N LEU B 117 11.71 -18.19 -13.86
CA LEU B 117 10.53 -19.01 -13.64
C LEU B 117 9.39 -18.63 -14.57
N ALA B 118 9.74 -18.24 -15.79
CA ALA B 118 8.75 -17.84 -16.78
C ALA B 118 7.83 -16.73 -16.25
N GLY B 119 8.42 -15.73 -15.61
CA GLY B 119 7.66 -14.60 -15.09
C GLY B 119 6.79 -14.86 -13.88
N ALA B 120 7.05 -15.92 -13.14
CA ALA B 120 6.26 -16.24 -11.96
C ALA B 120 6.27 -15.13 -10.90
N TRP B 121 5.19 -15.06 -10.13
CA TRP B 121 5.07 -14.08 -9.06
C TRP B 121 6.04 -14.47 -7.95
N VAL B 122 6.89 -13.53 -7.53
CA VAL B 122 7.84 -13.77 -6.45
C VAL B 122 7.66 -12.69 -5.40
N PRO B 123 8.14 -12.93 -4.17
CA PRO B 123 8.00 -11.94 -3.10
C PRO B 123 8.51 -10.57 -3.53
N GLY B 124 7.68 -9.55 -3.32
CA GLY B 124 8.06 -8.20 -3.68
C GLY B 124 7.53 -7.71 -5.01
N GLN B 125 7.16 -8.62 -5.91
CA GLN B 125 6.65 -8.22 -7.22
C GLN B 125 5.38 -7.39 -7.16
N ALA B 126 4.43 -7.85 -6.36
CA ALA B 126 3.16 -7.13 -6.21
C ALA B 126 3.40 -5.67 -5.89
N GLU B 127 4.26 -5.43 -4.90
CA GLU B 127 4.54 -4.06 -4.49
C GLU B 127 5.13 -3.27 -5.65
N CYS B 128 5.97 -3.93 -6.45
CA CYS B 128 6.57 -3.26 -7.59
C CYS B 128 5.50 -2.92 -8.63
N LEU B 129 4.49 -3.79 -8.75
CA LEU B 129 3.41 -3.56 -9.70
C LEU B 129 2.44 -2.49 -9.20
N LEU B 130 2.24 -2.44 -7.89
CA LEU B 130 1.34 -1.43 -7.35
C LEU B 130 1.99 -0.05 -7.55
N ARG B 131 3.31 0.02 -7.42
CA ARG B 131 4.00 1.29 -7.65
C ARG B 131 3.85 1.69 -9.11
N ALA B 132 3.83 0.70 -10.00
CA ALA B 132 3.68 0.95 -11.43
C ALA B 132 2.33 1.61 -11.72
N SER B 133 1.24 0.99 -11.27
CA SER B 133 -0.08 1.57 -11.49
C SER B 133 -0.23 2.92 -10.77
N ASP B 134 0.37 3.08 -9.59
CA ASP B 134 0.30 4.36 -8.86
C ASP B 134 0.98 5.47 -9.67
N THR B 135 2.13 5.16 -10.27
CA THR B 135 2.84 6.14 -11.07
C THR B 135 1.98 6.57 -12.26
N ALA B 136 1.36 5.61 -12.92
CA ALA B 136 0.50 5.90 -14.07
C ALA B 136 -0.68 6.74 -13.62
N LYS B 137 -1.21 6.41 -12.44
CA LYS B 137 -2.35 7.11 -11.87
C LYS B 137 -1.99 8.55 -11.53
N THR B 138 -0.82 8.72 -10.91
CA THR B 138 -0.35 10.04 -10.53
C THR B 138 -0.04 10.93 -11.73
N LEU B 139 0.57 10.36 -12.75
CA LEU B 139 0.95 11.10 -13.95
C LEU B 139 -0.12 11.09 -15.03
N HIS B 140 -1.10 10.22 -14.90
CA HIS B 140 -2.15 10.10 -15.89
C HIS B 140 -1.58 9.76 -17.27
N VAL B 141 -0.74 8.72 -17.31
CA VAL B 141 -0.16 8.25 -18.56
C VAL B 141 -0.48 6.77 -18.63
N PRO B 142 -0.51 6.20 -19.84
CA PRO B 142 -0.81 4.78 -20.01
C PRO B 142 0.14 3.84 -19.29
N LEU B 143 -0.40 2.69 -18.89
CA LEU B 143 0.37 1.64 -18.24
C LEU B 143 0.47 0.52 -19.29
N VAL B 144 1.69 0.14 -19.64
CA VAL B 144 1.87 -0.91 -20.63
C VAL B 144 2.48 -2.19 -20.06
N TYR B 145 1.81 -3.31 -20.33
CA TYR B 145 2.27 -4.61 -19.88
C TYR B 145 2.79 -5.47 -21.03
N VAL B 146 3.98 -6.01 -20.87
CA VAL B 146 4.58 -6.91 -21.86
C VAL B 146 4.57 -8.19 -21.03
N LEU B 147 3.41 -8.83 -21.02
CA LEU B 147 3.15 -10.01 -20.22
C LEU B 147 3.61 -11.38 -20.70
N ASN B 148 4.14 -12.14 -19.76
CA ASN B 148 4.64 -13.50 -19.98
C ASN B 148 4.70 -14.03 -18.54
N CYS B 149 3.53 -14.23 -17.94
CA CYS B 149 3.43 -14.66 -16.56
C CYS B 149 2.89 -16.08 -16.37
N SER B 150 3.81 -17.02 -16.11
CA SER B 150 3.46 -18.43 -15.95
C SER B 150 2.63 -18.75 -14.71
N GLY B 151 2.75 -17.92 -13.67
CA GLY B 151 1.98 -18.19 -12.47
C GLY B 151 2.61 -17.74 -11.16
N VAL B 152 2.56 -18.63 -10.18
CA VAL B 152 3.08 -18.35 -8.84
C VAL B 152 4.23 -19.26 -8.42
N LYS B 153 5.15 -18.71 -7.65
CA LYS B 153 6.26 -19.50 -7.13
C LYS B 153 5.65 -20.18 -5.91
N PHE B 154 5.02 -21.33 -6.16
CA PHE B 154 4.34 -22.11 -5.15
C PHE B 154 4.96 -22.25 -3.76
N ASP B 155 6.29 -22.33 -3.68
CA ASP B 155 6.92 -22.49 -2.38
C ASP B 155 6.90 -21.22 -1.53
N GLU B 156 6.35 -20.14 -2.07
CA GLU B 156 6.24 -18.89 -1.34
C GLU B 156 4.91 -18.27 -1.70
N GLN B 157 3.95 -19.11 -2.03
CA GLN B 157 2.62 -18.67 -2.44
C GLN B 157 1.92 -17.76 -1.43
N GLU B 158 2.15 -17.97 -0.14
CA GLU B 158 1.51 -17.17 0.89
C GLU B 158 2.06 -15.75 0.93
N LYS B 159 3.17 -15.53 0.25
CA LYS B 159 3.82 -14.22 0.21
C LYS B 159 3.49 -13.47 -1.08
N VAL B 160 2.88 -14.14 -2.04
CA VAL B 160 2.58 -13.48 -3.32
C VAL B 160 1.15 -13.57 -3.82
N TYR B 161 0.40 -14.56 -3.35
CA TYR B 161 -0.98 -14.75 -3.81
C TYR B 161 -2.11 -14.01 -3.09
N PRO B 162 -2.16 -14.09 -1.74
CA PRO B 162 -3.23 -13.44 -1.01
C PRO B 162 -2.90 -12.04 -0.50
N ASN B 163 -3.66 -11.62 0.51
CA ASN B 163 -3.47 -10.33 1.17
C ASN B 163 -3.96 -9.10 0.42
N ARG B 164 -4.11 -8.01 1.17
CA ARG B 164 -4.58 -6.74 0.63
C ARG B 164 -3.70 -6.20 -0.49
N ARG B 165 -2.40 -6.43 -0.39
CA ARG B 165 -1.47 -5.93 -1.40
C ARG B 165 -0.71 -7.04 -2.09
N GLY B 166 -1.41 -8.10 -2.47
CA GLY B 166 -0.77 -9.22 -3.14
C GLY B 166 -0.98 -9.20 -4.64
N GLY B 167 -0.74 -10.34 -5.27
CA GLY B 167 -0.88 -10.45 -6.71
C GLY B 167 -2.24 -10.12 -7.30
N GLY B 168 -3.30 -10.18 -6.49
CA GLY B 168 -4.61 -9.87 -7.02
C GLY B 168 -4.97 -8.39 -7.00
N THR B 169 -4.25 -7.62 -6.18
CA THR B 169 -4.54 -6.19 -6.06
C THR B 169 -4.42 -5.39 -7.37
N PRO B 170 -3.41 -5.69 -8.22
CA PRO B 170 -3.23 -5.00 -9.50
C PRO B 170 -4.44 -5.12 -10.43
N PHE B 171 -5.26 -6.15 -10.22
CA PHE B 171 -6.43 -6.34 -11.06
C PHE B 171 -7.46 -5.28 -10.71
N PHE B 172 -7.54 -4.94 -9.43
CA PHE B 172 -8.44 -3.89 -8.98
C PHE B 172 -7.85 -2.55 -9.41
N ARG B 173 -6.53 -2.42 -9.35
CA ARG B 173 -5.87 -1.18 -9.74
C ARG B 173 -6.01 -0.93 -11.24
N ASN B 174 -6.01 -2.00 -12.04
CA ASN B 174 -6.17 -1.83 -13.48
C ASN B 174 -7.60 -1.38 -13.77
N ALA B 175 -8.55 -1.84 -12.96
CA ALA B 175 -9.94 -1.45 -13.11
C ALA B 175 -10.07 0.03 -12.74
N GLU B 176 -9.36 0.43 -11.68
CA GLU B 176 -9.38 1.82 -11.26
C GLU B 176 -8.80 2.73 -12.35
N LEU B 177 -7.66 2.34 -12.90
CA LEU B 177 -7.04 3.15 -13.95
C LEU B 177 -8.03 3.34 -15.09
N ASN B 178 -8.68 2.25 -15.50
CA ASN B 178 -9.66 2.35 -16.57
C ASN B 178 -10.75 3.32 -16.17
N GLN B 179 -11.28 3.15 -14.97
CA GLN B 179 -12.34 4.02 -14.48
C GLN B 179 -11.92 5.47 -14.39
N LEU B 180 -10.61 5.70 -14.20
CA LEU B 180 -10.09 7.06 -14.12
C LEU B 180 -9.79 7.60 -15.51
N GLY B 181 -10.06 6.80 -16.54
CA GLY B 181 -9.80 7.22 -17.92
C GLY B 181 -8.34 7.06 -18.32
N ILE B 182 -7.62 6.17 -17.64
CA ILE B 182 -6.20 5.91 -17.92
C ILE B 182 -6.09 4.52 -18.52
N PRO B 183 -5.78 4.42 -19.83
CA PRO B 183 -5.65 3.15 -20.53
C PRO B 183 -4.53 2.24 -20.06
N VAL B 184 -4.78 0.94 -20.14
CA VAL B 184 -3.82 -0.09 -19.79
C VAL B 184 -3.78 -0.97 -21.03
N ILE B 185 -2.59 -1.15 -21.59
CA ILE B 185 -2.42 -1.94 -22.80
C ILE B 185 -1.49 -3.13 -22.54
N VAL B 186 -1.86 -4.30 -23.07
CA VAL B 186 -1.04 -5.49 -22.87
C VAL B 186 -0.80 -6.31 -24.14
N GLY B 187 0.42 -6.85 -24.22
CA GLY B 187 0.81 -7.73 -25.32
C GLY B 187 1.16 -8.99 -24.57
N ILE B 188 0.50 -10.10 -24.86
CA ILE B 188 0.78 -11.33 -24.11
C ILE B 188 1.57 -12.40 -24.86
N TYR B 189 2.49 -13.05 -24.14
CA TYR B 189 3.31 -14.11 -24.70
C TYR B 189 3.26 -15.32 -23.76
N GLY B 190 3.45 -16.51 -24.33
CA GLY B 190 3.45 -17.72 -23.53
C GLY B 190 2.15 -18.08 -22.86
N THR B 191 2.23 -18.91 -21.82
CA THR B 191 1.07 -19.35 -21.07
C THR B 191 0.78 -18.42 -19.90
N ASN B 192 -0.48 -17.97 -19.80
CA ASN B 192 -0.87 -17.05 -18.76
C ASN B 192 -2.15 -17.49 -18.07
N PRO B 193 -2.04 -18.46 -17.13
CA PRO B 193 -3.16 -19.00 -16.37
C PRO B 193 -3.33 -18.28 -15.03
N ALA B 194 -4.53 -18.32 -14.48
CA ALA B 194 -4.81 -17.69 -13.18
C ALA B 194 -4.33 -16.23 -13.11
N GLY B 195 -3.38 -15.96 -12.23
CA GLY B 195 -2.85 -14.61 -12.08
C GLY B 195 -2.46 -13.98 -13.40
N GLY B 196 -1.70 -14.73 -14.20
CA GLY B 196 -1.29 -14.25 -15.50
C GLY B 196 -2.50 -14.05 -16.38
N GLY B 197 -3.54 -14.86 -16.13
CA GLY B 197 -4.77 -14.72 -16.91
C GLY B 197 -5.44 -13.39 -16.61
N TYR B 198 -5.47 -13.03 -15.33
CA TYR B 198 -6.10 -11.76 -14.96
C TYR B 198 -5.27 -10.56 -15.40
N HIS B 199 -3.96 -10.75 -15.51
CA HIS B 199 -3.11 -9.65 -15.97
C HIS B 199 -3.37 -9.44 -17.46
N SER B 200 -3.85 -10.48 -18.13
CA SER B 200 -4.16 -10.44 -19.56
C SER B 200 -5.54 -9.85 -19.83
N ILE B 201 -6.51 -10.17 -18.98
CA ILE B 201 -7.87 -9.69 -19.17
C ILE B 201 -8.19 -8.34 -18.52
N SER B 202 -7.46 -7.96 -17.48
CA SER B 202 -7.73 -6.69 -16.80
C SER B 202 -7.43 -5.41 -17.60
N PRO B 203 -6.45 -5.46 -18.52
CA PRO B 203 -6.12 -4.26 -19.32
C PRO B 203 -7.25 -3.80 -20.26
N THR B 204 -7.08 -2.61 -20.82
CA THR B 204 -8.07 -2.04 -21.74
C THR B 204 -8.02 -2.72 -23.09
N VAL B 205 -6.82 -2.88 -23.63
CA VAL B 205 -6.65 -3.52 -24.94
C VAL B 205 -5.73 -4.73 -24.83
N ILE B 206 -6.16 -5.83 -25.45
CA ILE B 206 -5.40 -7.06 -25.40
C ILE B 206 -4.86 -7.49 -26.76
N ILE B 207 -3.54 -7.60 -26.86
CA ILE B 207 -2.87 -8.04 -28.08
C ILE B 207 -2.18 -9.34 -27.68
N ALA B 208 -2.22 -10.35 -28.56
CA ALA B 208 -1.60 -11.62 -28.23
C ALA B 208 -0.75 -12.25 -29.33
N HIS B 209 0.29 -12.95 -28.91
CA HIS B 209 1.16 -13.66 -29.83
C HIS B 209 0.37 -14.91 -30.22
N GLU B 210 0.58 -15.40 -31.44
CA GLU B 210 -0.17 -16.57 -31.91
C GLU B 210 -0.09 -17.81 -31.03
N LYS B 211 1.03 -18.00 -30.34
CA LYS B 211 1.18 -19.18 -29.48
C LYS B 211 0.85 -18.89 -28.02
N ALA B 212 0.39 -17.69 -27.71
CA ALA B 212 0.06 -17.32 -26.34
C ALA B 212 -1.33 -17.76 -25.91
N ASN B 213 -1.55 -17.82 -24.60
CA ASN B 213 -2.85 -18.19 -24.05
C ASN B 213 -3.11 -17.47 -22.73
N MET B 214 -4.39 -17.33 -22.39
CA MET B 214 -4.80 -16.66 -21.16
C MET B 214 -6.04 -17.41 -20.64
N ALA B 215 -6.04 -17.71 -19.35
CA ALA B 215 -7.15 -18.44 -18.75
C ALA B 215 -7.37 -18.14 -17.26
N VAL B 216 -8.60 -18.34 -16.80
CA VAL B 216 -8.96 -18.10 -15.41
C VAL B 216 -8.16 -19.00 -14.49
N GLY B 217 -7.59 -20.05 -15.07
CA GLY B 217 -6.79 -20.99 -14.30
C GLY B 217 -6.42 -22.18 -15.17
N GLY B 218 -5.38 -22.90 -14.74
CA GLY B 218 -4.94 -24.06 -15.50
C GLY B 218 -6.00 -25.14 -15.49
N ALA B 219 -6.06 -25.91 -16.57
CA ALA B 219 -7.04 -26.98 -16.67
C ALA B 219 -6.76 -28.10 -15.65
N GLY B 220 -5.51 -28.18 -15.20
CA GLY B 220 -5.16 -29.21 -14.23
C GLY B 220 -5.11 -30.56 -14.91
N ILE B 221 -3.93 -31.18 -14.91
CA ILE B 221 -3.76 -32.48 -15.56
C ILE B 221 -4.78 -33.54 -15.16
N MET B 222 -5.12 -33.60 -13.88
CA MET B 222 -6.07 -34.61 -13.40
C MET B 222 -7.54 -34.19 -13.48
N GLY B 223 -7.86 -33.36 -14.47
CA GLY B 223 -9.24 -32.92 -14.66
C GLY B 223 -9.99 -32.57 -13.38
N GLY B 224 -11.30 -32.83 -13.38
CA GLY B 224 -12.12 -32.53 -12.22
C GLY B 224 -12.03 -33.59 -11.13
N MET B 225 -10.85 -34.18 -10.98
CA MET B 225 -10.62 -35.21 -9.98
C MET B 225 -10.46 -34.57 -8.59
N ASN B 226 -11.13 -35.14 -7.59
CA ASN B 226 -11.03 -34.63 -6.23
C ASN B 226 -9.60 -34.64 -5.74
N PRO B 227 -9.14 -33.50 -5.19
CA PRO B 227 -7.76 -33.39 -4.68
C PRO B 227 -7.43 -34.49 -3.69
N LYS B 228 -6.14 -34.80 -3.55
CA LYS B 228 -5.72 -35.83 -2.62
C LYS B 228 -4.83 -35.23 -1.53
N GLY B 229 -5.11 -35.60 -0.29
CA GLY B 229 -4.33 -35.09 0.83
C GLY B 229 -2.93 -35.66 0.89
N HIS B 230 -2.66 -36.69 0.11
CA HIS B 230 -1.35 -37.32 0.11
C HIS B 230 -0.98 -37.90 -1.25
N VAL B 231 0.31 -38.01 -1.51
CA VAL B 231 0.79 -38.56 -2.77
C VAL B 231 1.61 -39.84 -2.60
N ASP B 232 1.04 -40.96 -3.07
CA ASP B 232 1.71 -42.26 -3.02
C ASP B 232 2.21 -42.60 -4.43
N LEU B 233 2.88 -43.73 -4.59
CA LEU B 233 3.42 -44.13 -5.89
C LEU B 233 2.32 -44.36 -6.93
N GLU B 234 1.21 -44.94 -6.49
CA GLU B 234 0.09 -45.20 -7.39
C GLU B 234 -0.39 -43.88 -8.00
N TYR B 235 -0.55 -42.87 -7.14
CA TYR B 235 -1.01 -41.57 -7.62
C TYR B 235 0.03 -40.91 -8.53
N ALA B 236 1.31 -41.11 -8.23
CA ALA B 236 2.38 -40.54 -9.06
C ALA B 236 2.25 -41.11 -10.46
N ASN B 237 2.07 -42.43 -10.56
CA ASN B 237 1.91 -43.09 -11.84
C ASN B 237 0.65 -42.63 -12.57
N GLU B 238 -0.41 -42.35 -11.80
CA GLU B 238 -1.65 -41.88 -12.39
C GLU B 238 -1.37 -40.56 -13.11
N ILE B 239 -0.59 -39.70 -12.45
CA ILE B 239 -0.23 -38.40 -13.00
C ILE B 239 0.60 -38.62 -14.26
N ALA B 240 1.64 -39.45 -14.16
CA ALA B 240 2.48 -39.75 -15.30
C ALA B 240 1.61 -40.32 -16.41
N ASP B 241 0.66 -41.17 -16.04
CA ASP B 241 -0.26 -41.78 -17.00
C ASP B 241 -1.06 -40.73 -17.76
N MET B 242 -1.55 -39.72 -17.03
CA MET B 242 -2.36 -38.67 -17.62
C MET B 242 -1.55 -37.76 -18.55
N VAL B 243 -0.32 -37.44 -18.17
CA VAL B 243 0.51 -36.60 -19.02
C VAL B 243 0.83 -37.33 -20.33
N ASP B 244 1.07 -38.63 -20.23
CA ASP B 244 1.36 -39.43 -21.42
C ASP B 244 0.09 -39.58 -22.25
N ARG B 245 -0.98 -39.99 -21.58
CA ARG B 245 -2.28 -40.17 -22.23
C ARG B 245 -2.68 -38.89 -22.96
N THR B 246 -2.44 -37.75 -22.32
CA THR B 246 -2.78 -36.44 -22.88
C THR B 246 -1.77 -36.04 -23.95
N GLY B 247 -0.49 -36.29 -23.68
CA GLY B 247 0.55 -35.94 -24.63
C GLY B 247 0.60 -34.45 -24.89
N LYS B 248 0.77 -34.09 -26.16
CA LYS B 248 0.84 -32.69 -26.56
C LYS B 248 -0.54 -32.03 -26.56
N THR B 249 -0.84 -31.30 -25.49
CA THR B 249 -2.13 -30.63 -25.41
C THR B 249 -1.98 -29.13 -25.19
N GLU B 250 -2.73 -28.37 -25.97
CA GLU B 250 -2.73 -26.92 -25.91
C GLU B 250 -3.40 -26.43 -24.63
N PRO B 251 -2.73 -25.54 -23.87
CA PRO B 251 -3.34 -25.03 -22.64
C PRO B 251 -4.64 -24.32 -22.96
N PRO B 252 -5.56 -24.24 -21.99
CA PRO B 252 -6.84 -23.57 -22.23
C PRO B 252 -6.65 -22.08 -22.52
N GLY B 253 -7.60 -21.49 -23.25
CA GLY B 253 -7.53 -20.08 -23.55
C GLY B 253 -6.55 -19.66 -24.63
N ALA B 254 -6.26 -20.54 -25.57
CA ALA B 254 -5.34 -20.21 -26.64
C ALA B 254 -6.05 -19.30 -27.64
N VAL B 255 -5.33 -18.91 -28.70
CA VAL B 255 -5.89 -18.04 -29.73
C VAL B 255 -7.17 -18.56 -30.38
N ASP B 256 -7.25 -19.86 -30.62
CA ASP B 256 -8.45 -20.44 -31.23
C ASP B 256 -9.65 -20.26 -30.31
N ILE B 257 -9.40 -19.87 -29.07
CA ILE B 257 -10.46 -19.66 -28.10
C ILE B 257 -10.72 -18.18 -27.85
N HIS B 258 -9.73 -17.47 -27.32
CA HIS B 258 -9.93 -16.06 -27.00
C HIS B 258 -9.83 -15.06 -28.12
N TYR B 259 -9.55 -15.54 -29.33
CA TYR B 259 -9.53 -14.67 -30.48
C TYR B 259 -10.74 -15.09 -31.32
N THR B 260 -10.70 -16.31 -31.80
CA THR B 260 -11.76 -16.86 -32.65
C THR B 260 -13.13 -16.91 -31.98
N GLU B 261 -13.20 -17.42 -30.77
CA GLU B 261 -14.48 -17.55 -30.07
C GLU B 261 -14.93 -16.34 -29.25
N THR B 262 -14.26 -16.09 -28.14
CA THR B 262 -14.63 -14.99 -27.24
C THR B 262 -14.30 -13.60 -27.79
N GLY B 263 -13.23 -13.49 -28.56
CA GLY B 263 -12.86 -12.20 -29.10
C GLY B 263 -12.30 -11.27 -28.03
N PHE B 264 -11.75 -11.84 -26.95
CA PHE B 264 -11.16 -11.03 -25.89
C PHE B 264 -9.86 -10.43 -26.44
N MET B 265 -9.14 -11.24 -27.21
CA MET B 265 -7.90 -10.79 -27.84
C MET B 265 -8.35 -9.98 -29.03
N ARG B 266 -8.01 -8.69 -29.05
CA ARG B 266 -8.42 -7.83 -30.15
C ARG B 266 -7.62 -8.15 -31.42
N GLU B 267 -6.33 -8.39 -31.25
CA GLU B 267 -5.46 -8.71 -32.39
C GLU B 267 -4.46 -9.79 -32.02
N VAL B 268 -4.09 -10.60 -33.00
CA VAL B 268 -3.11 -11.67 -32.81
C VAL B 268 -2.00 -11.50 -33.83
N TYR B 269 -0.75 -11.67 -33.40
CA TYR B 269 0.41 -11.55 -34.28
C TYR B 269 1.28 -12.81 -34.23
N ALA B 270 1.81 -13.19 -35.39
CA ALA B 270 2.64 -14.38 -35.50
C ALA B 270 4.04 -14.21 -34.90
N SER B 271 4.60 -13.01 -34.99
CA SER B 271 5.95 -12.77 -34.46
C SER B 271 5.97 -11.92 -33.19
N GLU B 272 7.03 -12.11 -32.39
CA GLU B 272 7.19 -11.37 -31.15
C GLU B 272 7.16 -9.87 -31.43
N GLU B 273 7.80 -9.47 -32.51
CA GLU B 273 7.85 -8.06 -32.91
C GLU B 273 6.46 -7.57 -33.30
N GLY B 274 5.67 -8.46 -33.90
CA GLY B 274 4.32 -8.09 -34.30
C GLY B 274 3.51 -7.63 -33.11
N VAL B 275 3.54 -8.42 -32.04
CA VAL B 275 2.81 -8.12 -30.81
C VAL B 275 3.14 -6.71 -30.33
N LEU B 276 4.43 -6.37 -30.34
CA LEU B 276 4.87 -5.06 -29.89
C LEU B 276 4.34 -3.98 -30.84
N GLU B 277 4.22 -4.31 -32.12
CA GLU B 277 3.70 -3.36 -33.09
C GLU B 277 2.23 -3.13 -32.76
N GLY B 278 1.56 -4.18 -32.30
CA GLY B 278 0.17 -4.05 -31.92
C GLY B 278 0.05 -3.09 -30.75
N ILE B 279 0.94 -3.22 -29.77
CA ILE B 279 0.91 -2.33 -28.62
C ILE B 279 1.12 -0.89 -29.07
N LYS B 280 2.11 -0.68 -29.94
CA LYS B 280 2.41 0.65 -30.47
C LYS B 280 1.21 1.22 -31.21
N LYS B 281 0.53 0.36 -31.95
CA LYS B 281 -0.64 0.77 -32.72
C LYS B 281 -1.71 1.39 -31.81
N TYR B 282 -2.07 0.68 -30.76
CA TYR B 282 -3.10 1.18 -29.86
C TYR B 282 -2.65 2.31 -28.94
N VAL B 283 -1.41 2.26 -28.48
CA VAL B 283 -0.93 3.34 -27.63
C VAL B 283 -0.95 4.60 -28.48
N GLY B 284 -0.73 4.42 -29.78
CA GLY B 284 -0.74 5.56 -30.68
C GLY B 284 -2.11 6.20 -30.76
N MET B 285 -3.16 5.40 -30.53
CA MET B 285 -4.52 5.90 -30.57
C MET B 285 -4.93 6.67 -29.31
N LEU B 286 -4.12 6.55 -28.25
CA LEU B 286 -4.43 7.21 -27.00
C LEU B 286 -4.29 8.73 -27.08
N PRO B 287 -4.97 9.46 -26.18
CA PRO B 287 -4.90 10.92 -26.18
C PRO B 287 -3.66 11.55 -25.57
N LYS B 288 -3.29 12.73 -26.06
CA LYS B 288 -2.15 13.47 -25.55
C LYS B 288 -2.20 14.88 -26.10
N TYR B 289 -1.60 15.80 -25.36
CA TYR B 289 -1.50 17.18 -25.80
C TYR B 289 -0.17 17.32 -26.51
N ASP B 290 -0.16 18.06 -27.62
CA ASP B 290 1.09 18.33 -28.32
C ASP B 290 1.85 19.11 -27.25
N PRO B 291 3.08 18.69 -26.90
CA PRO B 291 3.82 19.43 -25.87
C PRO B 291 3.90 20.94 -26.07
N GLU B 292 3.85 21.39 -27.32
CA GLU B 292 3.93 22.81 -27.59
C GLU B 292 2.79 23.57 -26.91
N PHE B 293 1.65 22.89 -26.74
CA PHE B 293 0.49 23.51 -26.12
C PHE B 293 0.79 24.09 -24.74
N PHE B 294 1.51 23.33 -23.91
CA PHE B 294 1.84 23.76 -22.56
C PHE B 294 3.21 24.38 -22.40
N ARG B 295 3.93 24.57 -23.50
CA ARG B 295 5.26 25.17 -23.40
C ARG B 295 5.15 26.69 -23.30
N VAL B 296 6.12 27.30 -22.63
CA VAL B 296 6.17 28.74 -22.49
C VAL B 296 7.46 29.27 -23.09
N ASP B 297 8.23 28.36 -23.69
CA ASP B 297 9.52 28.71 -24.29
C ASP B 297 9.95 27.50 -25.13
N ASP B 298 10.93 27.69 -26.02
CA ASP B 298 11.41 26.57 -26.82
C ASP B 298 12.30 25.77 -25.86
N PRO B 299 12.35 24.44 -26.05
CA PRO B 299 13.19 23.65 -25.16
C PRO B 299 14.64 24.14 -25.31
N LYS B 300 15.37 24.18 -24.20
CA LYS B 300 16.77 24.60 -24.20
C LYS B 300 17.50 23.72 -23.20
N ALA B 301 18.67 23.23 -23.57
CA ALA B 301 19.44 22.40 -22.66
C ALA B 301 20.03 23.28 -21.55
N PRO B 302 20.42 22.68 -20.42
CA PRO B 302 21.00 23.49 -19.34
C PRO B 302 22.21 24.21 -19.90
N ALA B 303 22.55 25.37 -19.35
CA ALA B 303 23.68 26.15 -19.84
C ALA B 303 25.05 25.59 -19.44
N PHE B 304 25.07 24.58 -18.59
CA PHE B 304 26.33 23.97 -18.15
C PHE B 304 26.28 22.45 -18.31
N PRO B 305 27.46 21.83 -18.50
CA PRO B 305 27.58 20.38 -18.66
C PRO B 305 27.13 19.61 -17.43
N ALA B 306 26.40 18.53 -17.66
CA ALA B 306 25.90 17.70 -16.57
C ALA B 306 27.05 17.01 -15.83
N ASP B 307 28.09 16.65 -16.57
CA ASP B 307 29.24 15.97 -15.97
C ASP B 307 29.93 16.77 -14.87
N ASP B 308 29.70 18.09 -14.83
CA ASP B 308 30.32 18.91 -13.79
C ASP B 308 29.80 18.44 -12.44
N LEU B 309 28.61 17.86 -12.46
CA LEU B 309 27.98 17.37 -11.24
C LEU B 309 28.90 16.36 -10.54
N TYR B 310 29.72 15.65 -11.31
CA TYR B 310 30.64 14.68 -10.73
C TYR B 310 31.68 15.35 -9.84
N SER B 311 31.84 16.66 -9.99
CA SER B 311 32.78 17.41 -9.17
C SER B 311 32.02 18.30 -8.19
N MET B 312 30.88 18.80 -8.63
CA MET B 312 30.10 19.72 -7.81
C MET B 312 29.20 19.13 -6.73
N VAL B 313 28.90 17.84 -6.83
CA VAL B 313 28.08 17.18 -5.81
C VAL B 313 29.04 16.34 -4.97
N PRO B 314 29.45 16.87 -3.81
CA PRO B 314 30.37 16.16 -2.92
C PRO B 314 29.83 14.88 -2.32
N LEU B 315 30.57 13.78 -2.48
CA LEU B 315 30.15 12.52 -1.88
C LEU B 315 30.28 12.67 -0.37
N ASN B 316 31.30 13.41 0.06
CA ASN B 316 31.54 13.64 1.49
C ASN B 316 30.40 14.50 2.03
N ASP B 317 29.52 13.92 2.84
CA ASP B 317 28.39 14.67 3.37
C ASP B 317 28.76 15.79 4.35
N LYS B 318 30.05 16.02 4.52
CA LYS B 318 30.51 17.10 5.41
C LYS B 318 30.78 18.34 4.58
N ARG B 319 30.98 18.16 3.28
CA ARG B 319 31.27 19.27 2.38
C ARG B 319 30.00 19.95 1.88
N ALA B 320 29.98 21.27 1.98
CA ALA B 320 28.85 22.05 1.50
C ALA B 320 29.06 22.21 0.00
N TYR B 321 28.07 22.79 -0.67
CA TYR B 321 28.17 23.01 -2.11
C TYR B 321 27.05 23.98 -2.49
N ASP B 322 27.09 24.45 -3.74
CA ASP B 322 26.09 25.39 -4.22
C ASP B 322 24.97 24.65 -4.95
N ILE B 323 23.78 24.60 -4.33
CA ILE B 323 22.63 23.93 -4.94
C ILE B 323 22.26 24.55 -6.29
N TYR B 324 22.64 25.80 -6.52
CA TYR B 324 22.33 26.43 -7.79
C TYR B 324 23.06 25.74 -8.95
N ASN B 325 24.22 25.14 -8.66
CA ASN B 325 24.97 24.44 -9.70
C ASN B 325 24.22 23.20 -10.17
N VAL B 326 23.49 22.59 -9.25
CA VAL B 326 22.70 21.40 -9.57
C VAL B 326 21.47 21.84 -10.36
N ILE B 327 20.77 22.85 -9.83
CA ILE B 327 19.59 23.37 -10.49
C ILE B 327 19.96 23.85 -11.89
N ALA B 328 21.09 24.52 -12.00
CA ALA B 328 21.56 25.06 -13.28
C ALA B 328 21.81 23.96 -14.31
N ARG B 329 22.05 22.75 -13.83
CA ARG B 329 22.34 21.66 -14.74
C ARG B 329 21.21 20.66 -14.95
N LEU B 330 20.04 20.95 -14.39
CA LEU B 330 18.89 20.06 -14.55
C LEU B 330 17.75 20.76 -15.29
N PHE B 331 17.72 22.08 -15.22
CA PHE B 331 16.64 22.80 -15.88
C PHE B 331 17.06 23.63 -17.08
N ASP B 332 16.13 23.77 -18.03
CA ASP B 332 16.38 24.50 -19.26
C ASP B 332 17.20 25.78 -19.13
N ASN B 333 18.25 25.88 -19.95
CA ASN B 333 19.12 27.05 -19.99
C ASN B 333 19.55 27.57 -18.62
N SER B 334 19.56 26.70 -17.62
CA SER B 334 19.96 27.08 -16.26
C SER B 334 19.14 28.25 -15.73
N GLU B 335 17.90 28.38 -16.21
CA GLU B 335 17.05 29.47 -15.76
C GLU B 335 16.26 29.09 -14.52
N LEU B 336 16.09 30.06 -13.63
CA LEU B 336 15.35 29.86 -12.39
C LEU B 336 14.88 31.20 -11.87
N HIS B 337 13.58 31.36 -11.70
CA HIS B 337 13.04 32.60 -11.18
C HIS B 337 12.51 32.27 -9.79
N GLU B 338 13.28 32.59 -8.77
CA GLU B 338 12.90 32.29 -7.39
C GLU B 338 11.70 33.04 -6.85
N TYR B 339 11.00 32.36 -5.96
CA TYR B 339 9.84 32.90 -5.28
C TYR B 339 10.35 33.29 -3.90
N LYS B 340 10.16 34.55 -3.53
CA LYS B 340 10.57 35.08 -2.24
C LYS B 340 11.99 34.77 -1.81
N LYS B 341 12.95 35.04 -2.70
CA LYS B 341 14.36 34.81 -2.40
C LYS B 341 14.72 35.76 -1.25
N GLY B 342 15.48 35.26 -0.28
CA GLY B 342 15.86 36.09 0.85
C GLY B 342 14.99 35.79 2.05
N TYR B 343 13.78 35.30 1.79
CA TYR B 343 12.86 34.91 2.85
C TYR B 343 13.01 33.40 2.93
N GLY B 344 13.27 32.86 4.12
CA GLY B 344 13.46 31.42 4.24
C GLY B 344 14.66 30.99 3.42
N PRO B 345 15.84 31.59 3.68
CA PRO B 345 17.08 31.29 2.97
C PRO B 345 17.59 29.85 2.96
N GLU B 346 17.05 28.99 3.82
CA GLU B 346 17.47 27.59 3.87
C GLU B 346 16.95 26.81 2.67
N MET B 347 15.96 27.38 1.99
CA MET B 347 15.36 26.72 0.85
C MET B 347 15.30 27.61 -0.39
N VAL B 348 15.27 26.93 -1.53
CA VAL B 348 15.11 27.59 -2.81
C VAL B 348 13.75 27.12 -3.32
N THR B 349 12.87 28.05 -3.66
CA THR B 349 11.58 27.71 -4.24
C THR B 349 11.46 28.64 -5.43
N GLY B 350 11.35 28.08 -6.63
CA GLY B 350 11.22 28.92 -7.81
C GLY B 350 10.67 28.25 -9.05
N LEU B 351 10.44 29.06 -10.07
CA LEU B 351 9.92 28.56 -11.34
C LEU B 351 11.10 28.21 -12.24
N ALA B 352 10.97 27.14 -12.99
CA ALA B 352 12.01 26.71 -13.91
C ALA B 352 11.31 26.04 -15.08
N LYS B 353 12.07 25.65 -16.08
CA LYS B 353 11.50 25.02 -17.26
C LYS B 353 12.19 23.71 -17.60
N VAL B 354 11.39 22.76 -18.07
CA VAL B 354 11.88 21.45 -18.49
C VAL B 354 11.35 21.27 -19.91
N ASN B 355 12.26 21.41 -20.88
CA ASN B 355 11.92 21.31 -22.29
C ASN B 355 10.75 22.26 -22.57
N GLY B 356 10.91 23.49 -22.11
CA GLY B 356 9.89 24.51 -22.31
C GLY B 356 8.69 24.44 -21.39
N LEU B 357 8.55 23.34 -20.66
CA LEU B 357 7.41 23.16 -19.75
C LEU B 357 7.72 23.77 -18.39
N LEU B 358 6.76 24.50 -17.86
CA LEU B 358 6.91 25.18 -16.58
C LEU B 358 6.72 24.27 -15.37
N VAL B 359 7.64 24.34 -14.41
CA VAL B 359 7.52 23.53 -13.20
C VAL B 359 8.01 24.31 -12.00
N GLY B 360 7.58 23.85 -10.82
CA GLY B 360 8.03 24.48 -9.60
C GLY B 360 9.22 23.68 -9.12
N VAL B 361 10.19 24.35 -8.49
CA VAL B 361 11.38 23.68 -8.00
C VAL B 361 11.60 24.04 -6.54
N VAL B 362 11.87 23.02 -5.73
CA VAL B 362 12.14 23.20 -4.31
C VAL B 362 13.39 22.42 -3.95
N ALA B 363 14.40 23.09 -3.40
CA ALA B 363 15.65 22.44 -3.06
C ALA B 363 16.32 23.05 -1.83
N ASN B 364 17.03 22.22 -1.07
CA ASN B 364 17.73 22.69 0.12
C ASN B 364 18.96 23.52 -0.27
N VAL B 365 19.23 24.55 0.53
CA VAL B 365 20.40 25.38 0.33
C VAL B 365 21.41 24.91 1.37
N GLN B 366 22.66 24.73 0.97
CA GLN B 366 23.69 24.27 1.89
C GLN B 366 24.58 25.45 2.30
N GLY B 367 25.29 25.30 3.42
CA GLY B 367 26.16 26.36 3.87
C GLY B 367 25.63 27.05 5.11
N LEU B 368 26.35 28.06 5.58
CA LEU B 368 25.94 28.80 6.77
C LEU B 368 24.98 29.92 6.42
N LEU B 369 23.97 30.09 7.26
CA LEU B 369 22.97 31.12 7.08
C LEU B 369 23.18 32.14 8.20
N MET B 370 23.82 33.25 7.87
CA MET B 370 24.12 34.30 8.84
C MET B 370 22.89 35.01 9.39
N ASN B 371 22.94 35.37 10.68
CA ASN B 371 21.86 36.08 11.33
C ASN B 371 20.53 35.39 11.07
N TYR B 372 20.49 34.09 11.38
CA TYR B 372 19.30 33.30 11.13
C TYR B 372 19.33 32.10 12.09
N PRO B 373 18.16 31.59 12.51
CA PRO B 373 16.80 32.03 12.16
C PRO B 373 16.38 33.24 12.98
N GLU B 374 15.32 33.93 12.53
CA GLU B 374 14.84 35.13 13.21
C GLU B 374 14.28 34.90 14.61
N TYR B 375 13.92 33.66 14.95
CA TYR B 375 13.38 33.42 16.28
C TYR B 375 14.44 33.10 17.34
N LYS B 376 15.70 33.22 16.96
CA LYS B 376 16.79 32.98 17.90
C LYS B 376 17.58 34.27 18.08
N ALA B 377 18.40 34.32 19.13
CA ALA B 377 19.20 35.52 19.43
C ALA B 377 19.97 36.00 18.21
N ALA B 378 20.10 37.32 18.08
CA ALA B 378 20.82 37.90 16.96
C ALA B 378 22.21 37.31 16.86
N GLY B 379 22.77 37.28 15.65
CA GLY B 379 24.10 36.74 15.47
C GLY B 379 24.12 35.23 15.36
N SER B 380 23.00 34.57 15.66
CA SER B 380 22.97 33.12 15.56
C SER B 380 23.11 32.75 14.08
N VAL B 381 23.60 31.55 13.82
CA VAL B 381 23.79 31.10 12.45
C VAL B 381 22.97 29.87 12.12
N GLY B 382 22.29 29.90 10.97
CA GLY B 382 21.49 28.77 10.56
C GLY B 382 22.35 27.80 9.77
N ILE B 383 21.92 26.53 9.73
CA ILE B 383 22.65 25.50 9.02
C ILE B 383 21.93 25.06 7.76
N GLY B 384 22.56 25.27 6.61
CA GLY B 384 21.97 24.86 5.35
C GLY B 384 21.68 23.37 5.41
N GLY B 385 20.50 22.97 4.96
CA GLY B 385 20.14 21.57 5.00
C GLY B 385 19.07 21.35 6.05
N LYS B 386 18.92 22.33 6.93
CA LYS B 386 17.93 22.29 8.00
C LYS B 386 16.70 23.09 7.54
N LEU B 387 15.58 22.87 8.20
CA LEU B 387 14.36 23.61 7.86
C LEU B 387 13.97 24.49 9.05
N TYR B 388 13.69 25.76 8.78
CA TYR B 388 13.28 26.67 9.84
C TYR B 388 11.87 27.17 9.57
N ARG B 389 11.45 28.20 10.30
CA ARG B 389 10.09 28.73 10.13
C ARG B 389 9.82 29.31 8.75
N GLN B 390 10.63 30.29 8.32
CA GLN B 390 10.42 30.93 7.04
C GLN B 390 10.50 29.96 5.87
N GLY B 391 11.44 29.02 5.94
CA GLY B 391 11.55 28.04 4.87
C GLY B 391 10.25 27.24 4.77
N LEU B 392 9.75 26.79 5.91
CA LEU B 392 8.51 26.03 5.94
C LEU B 392 7.31 26.86 5.50
N VAL B 393 7.26 28.13 5.89
CA VAL B 393 6.14 28.96 5.46
C VAL B 393 6.25 29.21 3.96
N LYS B 394 7.45 29.50 3.47
CA LYS B 394 7.64 29.75 2.04
C LYS B 394 7.20 28.56 1.20
N MET B 395 7.59 27.37 1.61
CA MET B 395 7.22 26.17 0.87
C MET B 395 5.72 25.92 0.87
N ASN B 396 5.05 26.15 2.00
CA ASN B 396 3.60 25.97 2.09
C ASN B 396 2.90 26.88 1.07
N GLU B 397 3.30 28.14 1.06
CA GLU B 397 2.72 29.12 0.14
C GLU B 397 3.04 28.73 -1.29
N PHE B 398 4.31 28.37 -1.53
CA PHE B 398 4.76 27.98 -2.86
C PHE B 398 3.99 26.79 -3.40
N VAL B 399 3.87 25.73 -2.59
CA VAL B 399 3.16 24.54 -3.03
C VAL B 399 1.71 24.88 -3.35
N THR B 400 1.08 25.63 -2.46
CA THR B 400 -0.31 26.02 -2.64
C THR B 400 -0.50 26.82 -3.93
N LEU B 401 0.47 27.67 -4.27
CA LEU B 401 0.38 28.47 -5.48
C LEU B 401 0.59 27.61 -6.71
N CYS B 402 1.55 26.68 -6.65
CA CYS B 402 1.79 25.78 -7.76
C CYS B 402 0.54 24.96 -8.03
N ALA B 403 -0.11 24.51 -6.95
CA ALA B 403 -1.32 23.72 -7.05
C ALA B 403 -2.40 24.51 -7.79
N ARG B 404 -2.61 25.76 -7.37
CA ARG B 404 -3.61 26.59 -8.01
C ARG B 404 -3.31 26.75 -9.49
N ASP B 405 -2.03 26.93 -9.83
CA ASP B 405 -1.61 27.11 -11.21
C ASP B 405 -1.45 25.80 -11.99
N ARG B 406 -1.73 24.68 -11.34
CA ARG B 406 -1.61 23.34 -11.94
C ARG B 406 -0.19 23.02 -12.40
N LEU B 407 0.81 23.48 -11.66
CA LEU B 407 2.20 23.23 -12.05
C LEU B 407 2.79 22.04 -11.31
N PRO B 408 3.55 21.19 -12.02
CA PRO B 408 4.17 20.04 -11.37
C PRO B 408 5.30 20.59 -10.50
N ILE B 409 5.77 19.82 -9.52
CA ILE B 409 6.86 20.27 -8.66
C ILE B 409 7.97 19.22 -8.59
N VAL B 410 9.22 19.69 -8.67
CA VAL B 410 10.37 18.81 -8.58
C VAL B 410 11.06 19.16 -7.26
N TRP B 411 11.16 18.18 -6.36
CA TRP B 411 11.80 18.39 -5.06
C TRP B 411 13.21 17.82 -5.07
N ILE B 412 14.19 18.62 -4.65
CA ILE B 412 15.56 18.15 -4.61
C ILE B 412 15.99 18.18 -3.15
N GLN B 413 16.07 16.99 -2.55
CA GLN B 413 16.43 16.85 -1.15
C GLN B 413 17.90 16.60 -0.80
N ASP B 414 18.32 17.24 0.28
CA ASP B 414 19.64 17.10 0.88
C ASP B 414 19.42 17.82 2.21
N THR B 415 18.82 17.09 3.15
CA THR B 415 18.45 17.68 4.43
C THR B 415 18.86 16.91 5.67
N THR B 416 19.11 17.66 6.75
CA THR B 416 19.50 17.06 8.03
C THR B 416 18.36 17.21 9.02
N GLY B 417 17.20 17.64 8.51
CA GLY B 417 16.03 17.78 9.36
C GLY B 417 15.54 19.17 9.71
N ILE B 418 14.48 19.20 10.51
CA ILE B 418 13.87 20.44 10.96
C ILE B 418 14.53 20.85 12.27
N ASP B 419 14.71 22.15 12.48
CA ASP B 419 15.33 22.67 13.68
C ASP B 419 14.57 22.15 14.90
N VAL B 420 15.28 21.85 15.99
CA VAL B 420 14.64 21.35 17.20
C VAL B 420 14.89 22.29 18.38
N GLY B 421 14.22 22.02 19.50
CA GLY B 421 14.36 22.87 20.67
C GLY B 421 13.07 23.66 20.87
N ASN B 422 12.85 24.18 22.08
CA ASN B 422 11.62 24.92 22.33
C ASN B 422 11.51 26.24 21.57
N ASP B 423 12.63 26.82 21.14
CA ASP B 423 12.55 28.06 20.36
C ASP B 423 11.90 27.68 19.04
N ALA B 424 12.33 26.56 18.47
CA ALA B 424 11.79 26.06 17.21
C ALA B 424 10.34 25.67 17.42
N GLU B 425 10.06 24.98 18.54
CA GLU B 425 8.70 24.56 18.83
C GLU B 425 7.77 25.76 18.91
N LYS B 426 8.21 26.81 19.60
CA LYS B 426 7.39 28.00 19.73
C LYS B 426 7.23 28.71 18.38
N ALA B 427 8.18 28.49 17.48
CA ALA B 427 8.11 29.08 16.14
C ALA B 427 7.18 28.23 15.25
N GLU B 428 6.54 27.24 15.88
CA GLU B 428 5.59 26.33 15.23
C GLU B 428 6.13 25.39 14.16
N LEU B 429 7.40 25.00 14.25
CA LEU B 429 7.95 24.11 13.22
C LEU B 429 7.22 22.77 13.08
N LEU B 430 6.70 22.23 14.17
CA LEU B 430 5.98 20.97 14.11
C LEU B 430 4.67 21.15 13.35
N GLY B 431 3.98 22.27 13.63
CA GLY B 431 2.73 22.56 12.95
C GLY B 431 2.95 22.90 11.48
N LEU B 432 4.01 23.65 11.22
CA LEU B 432 4.36 24.05 9.85
C LEU B 432 4.80 22.86 9.02
N GLY B 433 5.48 21.90 9.65
CA GLY B 433 5.94 20.73 8.93
C GLY B 433 4.74 19.95 8.43
N GLN B 434 3.77 19.74 9.31
CA GLN B 434 2.56 19.01 8.95
C GLN B 434 1.68 19.84 8.02
N SER B 435 1.76 21.17 8.16
CA SER B 435 0.98 22.04 7.28
C SER B 435 1.47 21.79 5.86
N LEU B 436 2.78 21.68 5.70
CA LEU B 436 3.36 21.44 4.38
C LEU B 436 2.89 20.08 3.85
N ILE B 437 2.81 19.09 4.72
CA ILE B 437 2.34 17.78 4.31
C ILE B 437 0.88 17.91 3.84
N TYR B 438 0.11 18.72 4.56
CA TYR B 438 -1.28 18.98 4.23
C TYR B 438 -1.35 19.72 2.88
N SER B 439 -0.49 20.71 2.70
CA SER B 439 -0.46 21.48 1.45
C SER B 439 -0.19 20.57 0.25
N ILE B 440 0.76 19.66 0.42
CA ILE B 440 1.11 18.72 -0.62
C ILE B 440 -0.06 17.76 -0.93
N GLN B 441 -0.66 17.23 0.13
CA GLN B 441 -1.76 16.27 0.00
C GLN B 441 -3.02 16.82 -0.67
N THR B 442 -3.26 18.12 -0.50
CA THR B 442 -4.45 18.73 -1.09
C THR B 442 -4.13 19.41 -2.43
N SER B 443 -2.89 19.32 -2.89
CA SER B 443 -2.46 19.99 -4.13
C SER B 443 -3.00 19.50 -5.47
N HIS B 444 -3.19 18.19 -5.62
CA HIS B 444 -3.70 17.61 -6.85
C HIS B 444 -2.77 17.83 -8.05
N ILE B 445 -1.48 17.96 -7.78
CA ILE B 445 -0.51 18.14 -8.85
C ILE B 445 0.58 17.06 -8.72
N PRO B 446 1.03 16.51 -9.85
CA PRO B 446 2.07 15.47 -9.84
C PRO B 446 3.40 16.04 -9.37
N GLN B 447 4.16 15.22 -8.66
CA GLN B 447 5.43 15.68 -8.12
C GLN B 447 6.53 14.64 -8.24
N PHE B 448 7.76 15.13 -8.32
CA PHE B 448 8.94 14.29 -8.47
C PHE B 448 9.91 14.64 -7.37
N GLU B 449 10.48 13.64 -6.72
CA GLU B 449 11.40 13.89 -5.63
C GLU B 449 12.76 13.25 -5.89
N ILE B 450 13.79 14.07 -5.72
CA ILE B 450 15.16 13.62 -5.92
C ILE B 450 15.94 13.75 -4.62
N THR B 451 16.34 12.62 -4.05
CA THR B 451 17.13 12.67 -2.82
C THR B 451 18.58 12.78 -3.31
N LEU B 452 19.01 14.00 -3.59
CA LEU B 452 20.36 14.26 -4.08
C LEU B 452 21.44 13.66 -3.18
N ARG B 453 21.33 13.92 -1.87
CA ARG B 453 22.27 13.35 -0.91
C ARG B 453 21.52 12.82 0.29
N LYS B 454 21.41 13.66 1.31
CA LYS B 454 20.75 13.29 2.54
C LYS B 454 19.23 13.35 2.57
N GLY B 455 18.65 12.25 3.02
CA GLY B 455 17.21 12.15 3.18
C GLY B 455 17.10 11.65 4.60
N THR B 456 16.84 12.54 5.56
CA THR B 456 16.75 12.12 6.96
C THR B 456 15.67 12.86 7.73
N ALA B 457 15.31 12.30 8.89
CA ALA B 457 14.30 12.88 9.77
C ALA B 457 12.98 13.14 9.04
N ALA B 458 12.10 13.90 9.70
CA ALA B 458 10.80 14.22 9.13
C ALA B 458 10.95 15.10 7.90
N ALA B 459 12.04 15.84 7.82
CA ALA B 459 12.27 16.71 6.66
C ALA B 459 12.13 15.89 5.37
N HIS B 460 12.60 14.65 5.41
CA HIS B 460 12.52 13.78 4.24
C HIS B 460 11.06 13.59 3.83
N TYR B 461 10.17 13.58 4.82
CA TYR B 461 8.73 13.41 4.57
C TYR B 461 8.09 14.68 3.98
N VAL B 462 8.32 15.82 4.63
CA VAL B 462 7.73 17.09 4.21
C VAL B 462 8.24 17.69 2.92
N LEU B 463 9.47 17.38 2.55
CA LEU B 463 10.05 17.92 1.32
C LEU B 463 9.63 17.07 0.12
N GLY B 464 8.32 16.99 -0.11
CA GLY B 464 7.82 16.20 -1.21
C GLY B 464 8.29 14.77 -1.12
N GLY B 465 8.33 14.24 0.10
CA GLY B 465 8.77 12.86 0.30
C GLY B 465 7.93 11.80 -0.39
N PRO B 466 8.51 10.62 -0.68
CA PRO B 466 7.81 9.52 -1.35
C PRO B 466 6.58 9.10 -0.56
N GLN B 467 6.57 9.46 0.72
CA GLN B 467 5.46 9.13 1.61
C GLN B 467 4.13 9.75 1.18
N GLY B 468 4.16 10.70 0.25
CA GLY B 468 2.93 11.29 -0.25
C GLY B 468 2.61 10.44 -1.46
N ASN B 469 2.00 9.28 -1.22
CA ASN B 469 1.68 8.32 -2.27
C ASN B 469 0.82 8.80 -3.42
N ASP B 470 -0.06 9.77 -3.16
CA ASP B 470 -0.94 10.28 -4.21
C ASP B 470 -0.25 11.24 -5.17
N THR B 471 0.58 12.13 -4.63
CA THR B 471 1.25 13.13 -5.44
C THR B 471 2.64 12.81 -5.97
N ASN B 472 3.42 12.01 -5.24
CA ASN B 472 4.76 11.68 -5.72
C ASN B 472 4.69 10.53 -6.72
N ALA B 473 5.00 10.83 -7.97
CA ALA B 473 4.96 9.83 -9.04
C ALA B 473 6.02 8.74 -8.83
N PHE B 474 7.16 9.15 -8.27
CA PHE B 474 8.26 8.24 -7.96
C PHE B 474 9.43 9.08 -7.51
N SER B 475 10.45 8.45 -6.98
CA SER B 475 11.62 9.20 -6.52
C SER B 475 12.88 8.48 -6.96
N ILE B 476 13.96 9.24 -7.07
CA ILE B 476 15.25 8.68 -7.44
C ILE B 476 16.32 9.18 -6.49
N GLY B 477 17.50 8.58 -6.59
CA GLY B 477 18.62 8.98 -5.77
C GLY B 477 19.83 9.03 -6.67
N THR B 478 21.00 9.29 -6.09
CA THR B 478 22.26 9.34 -6.84
C THR B 478 23.32 8.60 -6.04
N ALA B 479 24.54 8.57 -6.56
CA ALA B 479 25.64 7.89 -5.87
C ALA B 479 25.94 8.59 -4.53
N ALA B 480 25.54 9.85 -4.40
CA ALA B 480 25.77 10.62 -3.18
C ALA B 480 24.66 10.46 -2.16
N THR B 481 23.63 9.70 -2.49
CA THR B 481 22.49 9.51 -1.61
C THR B 481 22.76 8.73 -0.32
N GLU B 482 22.11 9.17 0.74
CA GLU B 482 22.19 8.57 2.07
C GLU B 482 20.82 8.76 2.70
N ILE B 483 20.13 7.69 3.04
CA ILE B 483 18.82 7.83 3.67
C ILE B 483 18.75 7.06 4.99
N ALA B 484 18.37 7.75 6.06
CA ALA B 484 18.24 7.16 7.39
C ALA B 484 17.46 8.09 8.31
N VAL B 485 16.95 7.55 9.41
CA VAL B 485 16.18 8.34 10.37
C VAL B 485 17.03 9.50 10.87
N MET B 486 18.31 9.22 11.11
CA MET B 486 19.26 10.24 11.57
C MET B 486 20.65 9.63 11.46
N ASN B 487 21.70 10.40 11.73
CA ASN B 487 23.05 9.85 11.64
C ASN B 487 23.24 8.80 12.74
N GLY B 488 23.92 7.72 12.37
CA GLY B 488 24.15 6.63 13.31
C GLY B 488 24.71 7.01 14.67
N GLU B 489 25.80 7.76 14.69
CA GLU B 489 26.40 8.17 15.95
C GLU B 489 25.38 8.81 16.89
N THR B 490 24.62 9.78 16.37
CA THR B 490 23.62 10.46 17.17
C THR B 490 22.57 9.49 17.68
N ALA B 491 22.20 8.52 16.86
CA ALA B 491 21.20 7.53 17.24
C ALA B 491 21.78 6.63 18.33
N ALA B 492 23.02 6.18 18.12
CA ALA B 492 23.68 5.29 19.07
C ALA B 492 23.77 5.91 20.46
N THR B 493 24.26 7.13 20.54
CA THR B 493 24.39 7.81 21.82
C THR B 493 23.02 7.98 22.46
N ALA B 494 22.05 8.44 21.68
CA ALA B 494 20.70 8.65 22.20
C ALA B 494 20.10 7.35 22.72
N MET B 495 20.45 6.23 22.08
CA MET B 495 19.92 4.94 22.48
C MET B 495 20.61 4.31 23.69
N TYR B 496 21.89 4.63 23.89
CA TYR B 496 22.62 4.04 25.00
C TYR B 496 23.18 5.02 26.03
N SER B 497 22.73 6.27 26.01
CA SER B 497 23.23 7.26 26.96
C SER B 497 22.88 6.87 28.39
N ARG B 498 21.69 6.32 28.58
CA ARG B 498 21.22 5.92 29.89
C ARG B 498 21.87 4.63 30.41
N ARG B 499 22.06 3.66 29.54
CA ARG B 499 22.69 2.41 29.97
C ARG B 499 24.14 2.66 30.34
N LEU B 500 24.77 3.64 29.71
CA LEU B 500 26.16 3.97 29.99
C LEU B 500 26.31 4.54 31.40
N ALA B 501 25.52 5.56 31.69
CA ALA B 501 25.56 6.20 33.01
C ALA B 501 25.11 5.26 34.12
N LYS B 502 24.11 4.43 33.85
CA LYS B 502 23.61 3.50 34.85
C LYS B 502 24.55 2.32 35.09
N ASP B 503 25.06 1.74 34.00
CA ASP B 503 25.98 0.61 34.14
C ASP B 503 27.28 1.02 34.82
N ARG B 504 27.76 2.21 34.51
CA ARG B 504 28.99 2.71 35.11
C ARG B 504 28.81 2.88 36.62
N LYS B 505 27.65 3.41 37.01
CA LYS B 505 27.35 3.62 38.42
C LYS B 505 27.31 2.28 39.16
N ALA B 506 26.64 1.31 38.56
CA ALA B 506 26.53 -0.01 39.17
C ALA B 506 27.86 -0.76 39.03
N GLY B 507 28.89 -0.04 38.58
CA GLY B 507 30.20 -0.63 38.41
C GLY B 507 30.19 -1.83 37.48
N LYS B 508 29.60 -1.65 36.30
CA LYS B 508 29.52 -2.72 35.31
C LYS B 508 30.29 -2.36 34.04
N ASP B 509 30.80 -3.38 33.35
CA ASP B 509 31.55 -3.20 32.13
C ASP B 509 30.76 -2.43 31.10
N LEU B 510 31.37 -1.39 30.52
CA LEU B 510 30.71 -0.56 29.52
C LEU B 510 31.05 -0.98 28.09
N GLN B 511 32.04 -1.86 27.95
CA GLN B 511 32.47 -2.33 26.64
C GLN B 511 31.33 -2.96 25.82
N PRO B 512 30.52 -3.82 26.44
CA PRO B 512 29.41 -4.45 25.72
C PRO B 512 28.49 -3.42 25.07
N THR B 513 28.19 -2.36 25.82
CA THR B 513 27.32 -1.30 25.34
C THR B 513 28.02 -0.48 24.27
N ILE B 514 29.32 -0.25 24.45
CA ILE B 514 30.10 0.51 23.48
C ILE B 514 30.10 -0.24 22.15
N ASP B 515 30.22 -1.57 22.21
CA ASP B 515 30.21 -2.37 21.01
C ASP B 515 28.88 -2.27 20.29
N LYS B 516 27.79 -2.30 21.05
CA LYS B 516 26.46 -2.20 20.47
C LYS B 516 26.31 -0.87 19.74
N MET B 517 26.85 0.19 20.33
CA MET B 517 26.79 1.51 19.73
C MET B 517 27.53 1.52 18.40
N ASN B 518 28.72 0.96 18.38
CA ASN B 518 29.52 0.90 17.16
C ASN B 518 28.87 0.00 16.11
N ASN B 519 28.15 -1.02 16.58
CA ASN B 519 27.46 -1.92 15.66
C ASN B 519 26.28 -1.20 15.07
N LEU B 520 25.65 -0.36 15.88
CA LEU B 520 24.50 0.41 15.44
C LEU B 520 24.96 1.43 14.41
N ILE B 521 26.05 2.13 14.73
CA ILE B 521 26.59 3.13 13.83
C ILE B 521 26.94 2.50 12.49
N GLN B 522 27.57 1.33 12.54
CA GLN B 522 27.95 0.60 11.34
C GLN B 522 26.73 0.17 10.54
N ALA B 523 25.71 -0.32 11.24
CA ALA B 523 24.49 -0.76 10.59
C ALA B 523 23.82 0.41 9.86
N PHE B 524 23.76 1.56 10.54
CA PHE B 524 23.17 2.76 9.94
C PHE B 524 23.85 3.09 8.62
N TYR B 525 25.17 3.06 8.60
CA TYR B 525 25.94 3.36 7.40
C TYR B 525 25.61 2.37 6.29
N THR B 526 25.75 1.09 6.60
CA THR B 526 25.48 0.03 5.63
C THR B 526 24.08 0.09 5.03
N LYS B 527 23.07 0.21 5.89
CA LYS B 527 21.68 0.24 5.46
C LYS B 527 21.21 1.56 4.86
N SER B 528 22.11 2.54 4.76
CA SER B 528 21.74 3.83 4.20
C SER B 528 22.42 4.11 2.86
N ARG B 529 23.22 3.15 2.39
CA ARG B 529 23.94 3.29 1.13
C ARG B 529 23.00 3.25 -0.07
N PRO B 530 23.39 3.92 -1.17
CA PRO B 530 22.58 3.96 -2.40
C PRO B 530 21.99 2.61 -2.80
N LYS B 531 22.83 1.59 -2.88
CA LYS B 531 22.34 0.27 -3.30
C LYS B 531 21.25 -0.27 -2.37
N VAL B 532 21.35 -0.01 -1.08
CA VAL B 532 20.33 -0.49 -0.16
C VAL B 532 19.06 0.35 -0.34
N CYS B 533 19.23 1.65 -0.59
CA CYS B 533 18.09 2.52 -0.81
C CYS B 533 17.31 1.96 -2.00
N ALA B 534 18.05 1.51 -3.02
CA ALA B 534 17.43 0.96 -4.22
C ALA B 534 16.77 -0.40 -3.93
N GLU B 535 17.48 -1.27 -3.21
CA GLU B 535 16.97 -2.60 -2.90
C GLU B 535 15.69 -2.58 -2.07
N LEU B 536 15.61 -1.67 -1.12
CA LEU B 536 14.43 -1.56 -0.27
C LEU B 536 13.36 -0.66 -0.90
N GLY B 537 13.75 0.11 -1.91
CA GLY B 537 12.80 1.00 -2.56
C GLY B 537 12.73 2.38 -1.92
N LEU B 538 13.71 2.70 -1.07
CA LEU B 538 13.76 4.01 -0.43
C LEU B 538 13.76 5.07 -1.53
N VAL B 539 14.30 4.68 -2.68
CA VAL B 539 14.31 5.49 -3.89
C VAL B 539 13.89 4.46 -4.92
N ASP B 540 13.20 4.88 -5.98
CA ASP B 540 12.79 3.92 -6.97
C ASP B 540 13.95 3.57 -7.89
N GLU B 541 14.97 4.43 -7.91
CA GLU B 541 16.12 4.18 -8.74
C GLU B 541 17.30 5.07 -8.39
N ILE B 542 18.51 4.51 -8.37
CA ILE B 542 19.70 5.29 -8.13
C ILE B 542 20.15 5.64 -9.56
N VAL B 543 20.20 6.93 -9.84
CA VAL B 543 20.53 7.43 -11.18
C VAL B 543 21.91 8.09 -11.30
N ASP B 544 22.58 7.87 -12.44
CA ASP B 544 23.90 8.47 -12.64
C ASP B 544 23.78 9.99 -12.66
N MET B 545 24.84 10.64 -12.18
CA MET B 545 24.86 12.09 -12.10
C MET B 545 24.47 12.76 -13.42
N ASN B 546 24.90 12.20 -14.54
CA ASN B 546 24.59 12.79 -15.84
C ASN B 546 23.33 12.23 -16.51
N LYS B 547 22.55 11.46 -15.75
CA LYS B 547 21.31 10.87 -16.27
C LYS B 547 20.11 11.46 -15.53
N ILE B 548 20.38 12.30 -14.54
CA ILE B 548 19.32 12.90 -13.75
C ILE B 548 18.34 13.75 -14.56
N ARG B 549 18.86 14.59 -15.45
CA ARG B 549 17.98 15.45 -16.24
C ARG B 549 17.01 14.62 -17.07
N GLY B 550 17.47 13.46 -17.52
CA GLY B 550 16.63 12.59 -18.32
C GLY B 550 15.35 12.19 -17.60
N TYR B 551 15.45 11.96 -16.29
CA TYR B 551 14.27 11.59 -15.52
C TYR B 551 13.42 12.83 -15.27
N VAL B 552 14.08 13.97 -15.09
CA VAL B 552 13.35 15.22 -14.88
C VAL B 552 12.52 15.49 -16.12
N GLU B 553 13.10 15.23 -17.29
CA GLU B 553 12.41 15.45 -18.55
C GLU B 553 11.22 14.51 -18.67
N ALA B 554 11.48 13.21 -18.52
CA ALA B 554 10.42 12.21 -18.62
C ALA B 554 9.26 12.54 -17.67
N PHE B 555 9.58 12.86 -16.42
CA PHE B 555 8.56 13.19 -15.44
C PHE B 555 7.69 14.38 -15.86
N THR B 556 8.34 15.48 -16.21
CA THR B 556 7.62 16.69 -16.60
C THR B 556 6.79 16.50 -17.86
N GLU B 557 7.36 15.86 -18.88
CA GLU B 557 6.61 15.64 -20.12
C GLU B 557 5.46 14.67 -19.87
N ALA B 558 5.67 13.70 -18.98
CA ALA B 558 4.61 12.76 -18.66
C ALA B 558 3.47 13.53 -17.96
N ALA B 559 3.84 14.39 -17.02
CA ALA B 559 2.89 15.20 -16.27
C ALA B 559 2.02 16.13 -17.13
N TYR B 560 2.61 16.63 -18.21
CA TYR B 560 1.88 17.52 -19.12
C TYR B 560 1.32 16.81 -20.35
N GLN B 561 1.47 15.49 -20.39
CA GLN B 561 1.00 14.72 -21.55
C GLN B 561 -0.52 14.72 -21.75
N ASN B 562 -1.27 14.51 -20.69
CA ASN B 562 -2.74 14.49 -20.76
C ASN B 562 -3.30 14.88 -19.41
N PRO B 563 -3.08 16.13 -18.98
CA PRO B 563 -3.55 16.65 -17.68
C PRO B 563 -5.07 16.66 -17.47
N GLU B 564 -5.48 16.44 -16.22
CA GLU B 564 -6.89 16.43 -15.83
C GLU B 564 -7.40 17.86 -15.62
N SER B 565 -6.49 18.77 -15.26
CA SER B 565 -6.86 20.14 -14.97
C SER B 565 -5.91 21.14 -15.62
N ILE B 566 -6.43 22.31 -15.97
CA ILE B 566 -5.67 23.36 -16.62
C ILE B 566 -5.86 24.73 -16.01
N CYS B 567 -4.77 25.50 -15.96
CA CYS B 567 -4.85 26.89 -15.52
C CYS B 567 -4.17 27.67 -16.65
N PRO B 568 -4.93 28.49 -17.38
CA PRO B 568 -4.33 29.27 -18.47
C PRO B 568 -3.15 30.08 -17.93
N PHE B 569 -2.10 30.22 -18.73
CA PHE B 569 -0.92 30.98 -18.31
C PHE B 569 -1.27 32.39 -17.85
N HIS B 570 -2.09 33.10 -18.61
CA HIS B 570 -2.46 34.46 -18.25
C HIS B 570 -3.32 34.49 -16.98
N GLN B 571 -3.69 33.33 -16.47
CA GLN B 571 -4.50 33.23 -15.26
C GLN B 571 -3.72 32.64 -14.09
N MET B 572 -2.39 32.52 -14.24
CA MET B 572 -1.57 31.97 -13.18
C MET B 572 -1.17 33.06 -12.18
N ILE B 573 -1.20 32.73 -10.89
CA ILE B 573 -0.85 33.70 -9.87
C ILE B 573 0.61 33.64 -9.40
N LEU B 574 1.20 32.45 -9.39
CA LEU B 574 2.59 32.33 -8.94
C LEU B 574 3.53 33.32 -9.65
N PRO B 575 3.44 33.43 -10.98
CA PRO B 575 4.32 34.36 -11.71
C PRO B 575 4.15 35.78 -11.20
N ARG B 576 2.90 36.16 -10.95
CA ARG B 576 2.60 37.49 -10.45
C ARG B 576 3.06 37.68 -9.01
N ALA B 577 2.82 36.67 -8.17
CA ALA B 577 3.24 36.76 -6.77
C ALA B 577 4.76 36.93 -6.69
N ILE B 578 5.49 36.24 -7.56
CA ILE B 578 6.94 36.34 -7.56
C ILE B 578 7.36 37.79 -7.81
N ARG B 579 6.82 38.39 -8.88
CA ARG B 579 7.11 39.76 -9.25
C ARG B 579 6.76 40.75 -8.14
N GLU B 580 5.56 40.62 -7.60
CA GLU B 580 5.13 41.54 -6.54
C GLU B 580 6.06 41.51 -5.32
N PHE B 581 6.51 40.33 -4.92
CA PHE B 581 7.40 40.25 -3.76
C PHE B 581 8.69 41.01 -4.01
N GLU B 582 9.21 40.96 -5.23
CA GLU B 582 10.44 41.67 -5.52
C GLU B 582 10.31 43.18 -5.69
N THR B 583 9.16 43.67 -6.14
CA THR B 583 8.98 45.11 -6.32
C THR B 583 8.32 45.86 -5.19
N PHE B 584 7.40 45.22 -4.47
CA PHE B 584 6.71 45.89 -3.39
C PHE B 584 7.58 46.23 -2.19
N VAL B 585 7.51 47.50 -1.78
CA VAL B 585 8.24 48.00 -0.63
C VAL B 585 7.16 48.54 0.30
N LYS B 586 6.89 47.83 1.40
CA LYS B 586 5.87 48.29 2.31
C LYS B 586 6.30 49.55 3.04
N LYS B 587 5.87 50.68 2.50
CA LYS B 587 6.19 51.99 3.05
C LYS B 587 5.58 52.18 4.43
S SO4 C . -8.88 15.96 34.81
O1 SO4 C . -10.31 16.17 34.49
O2 SO4 C . -8.75 15.70 36.26
O3 SO4 C . -8.37 14.79 34.07
O4 SO4 C . -8.10 17.17 34.44
S SO4 D . 1.53 -8.54 32.26
O1 SO4 D . 0.85 -8.29 33.54
O2 SO4 D . 0.56 -9.10 31.31
O3 SO4 D . 2.05 -7.27 31.73
O4 SO4 D . 2.65 -9.47 32.46
C FMT E . -16.68 3.07 0.05
O1 FMT E . -15.80 3.09 -1.19
O2 FMT E . -16.89 4.49 0.65
C FMT F . -42.07 -7.29 -2.05
O1 FMT F . -43.27 -7.25 -2.99
O2 FMT F . -40.88 -8.10 -2.64
C FMT G . -30.48 -7.34 17.82
O1 FMT G . -31.23 -6.30 18.63
O2 FMT G . -28.98 -6.99 17.65
S SO4 H . -2.85 2.82 -1.51
O1 SO4 H . -4.29 2.57 -1.48
O2 SO4 H . -2.32 2.81 -0.13
O3 SO4 H . -2.18 1.78 -2.31
O4 SO4 H . -2.61 4.14 -2.12
S SO4 I . 22.72 -14.10 -20.06
O1 SO4 I . 21.66 -14.82 -19.34
O2 SO4 I . 22.51 -14.22 -21.51
O3 SO4 I . 22.68 -12.67 -19.69
O4 SO4 I . 24.04 -14.66 -19.69
S SO4 J . 3.11 -10.61 -37.77
O1 SO4 J . 2.86 -9.20 -38.16
O2 SO4 J . 3.83 -10.65 -36.48
O3 SO4 J . 1.82 -11.32 -37.61
O4 SO4 J . 3.92 -11.27 -38.79
C FMT K . -1.45 14.20 -8.80
O1 FMT K . -2.54 14.21 -7.75
O2 FMT K . -2.01 13.95 -10.23
#